data_4Q6Y
#
_entry.id   4Q6Y
#
_cell.length_a   52.730
_cell.length_b   154.220
_cell.length_c   66.120
_cell.angle_alpha   90.00
_cell.angle_beta   110.78
_cell.angle_gamma   90.00
#
_symmetry.space_group_name_H-M   'P 1 21 1'
#
loop_
_entity.id
_entity.type
_entity.pdbx_description
1 polymer 'Ig gamma-1 chain C region'
2 branched 2-acetamido-2-deoxy-beta-D-glucopyranose-(1-2)-alpha-D-mannopyranose-(1-3)-[2-acetamido-2-deoxy-beta-D-glucopyranose-(1-2)-alpha-D-mannopyranose-(1-6)]beta-D-mannopyranose-(1-4)-2-acetamido-2-deoxy-beta-D-glucopyranose-(1-4)-2-acetamido-2-deoxy-beta-D-glucopyranose
3 branched 'N-acetyl-alpha-neuraminic acid-(2-6)-beta-D-galactopyranose-(1-4)-2-acetamido-2-deoxy-beta-D-glucopyranose-(1-2)-alpha-D-mannopyranose-(1-6)-[2-acetamido-2-deoxy-beta-D-glucopyranose-(1-2)-alpha-D-mannopyranose-(1-3)]beta-D-mannopyranose-(1-4)-2-acetamido-2-deoxy-beta-D-glucopyranose-(1-4)-2-acetamido-2-deoxy-beta-D-glucopyranose'
4 branched beta-D-galactopyranose-(1-4)-2-acetamido-2-deoxy-beta-D-glucopyranose-(1-2)-alpha-D-mannopyranose-(1-6)-[2-acetamido-2-deoxy-beta-D-glucopyranose-(1-2)-alpha-D-mannopyranose-(1-3)]beta-D-mannopyranose-(1-4)-2-acetamido-2-deoxy-beta-D-glucopyranose-(1-4)-2-acetamido-2-deoxy-beta-D-glucopyranose
#
_entity_poly.entity_id   1
_entity_poly.type   'polypeptide(L)'
_entity_poly.pdbx_seq_one_letter_code
;CPPCPAPELLGGPSVFLFPPKPKDTLMISRTPEVTCVVVDVSHEDPEVKFNWYVDGVEVHNAKTKPREEQYNSTYRVVSV
LTVLHQDWLNGKEYKCKVSNKALPAPIEKTISKAKGQPREPQVYTLPPSRDELTKNQVSLTCLVKGFYPSDIAVEWESNG
QPENNYKTTPPVLDSDGSFFLYSKLTVDKSRWQQGNVFSCSVMHEALHNHYTQKSLSLSPG
;
_entity_poly.pdbx_strand_id   A,B,C,D
#
loop_
_chem_comp.id
_chem_comp.type
_chem_comp.name
_chem_comp.formula
BMA D-saccharide, beta linking beta-D-mannopyranose 'C6 H12 O6'
GAL D-saccharide, beta linking beta-D-galactopyranose 'C6 H12 O6'
MAN D-saccharide, alpha linking alpha-D-mannopyranose 'C6 H12 O6'
NAG D-saccharide, beta linking 2-acetamido-2-deoxy-beta-D-glucopyranose 'C8 H15 N O6'
SIA D-saccharide, alpha linking 'N-acetyl-alpha-neuraminic acid' 'C11 H19 N O9'
#
# COMPACT_ATOMS: atom_id res chain seq x y z
N GLY A 11 -30.18 29.25 7.33
CA GLY A 11 -29.39 29.51 8.51
C GLY A 11 -28.74 28.25 9.07
N GLY A 12 -27.86 28.44 10.06
CA GLY A 12 -27.15 27.32 10.66
C GLY A 12 -25.65 27.46 10.50
N PRO A 13 -24.99 28.12 11.47
CA PRO A 13 -23.54 28.39 11.41
C PRO A 13 -22.66 27.15 11.55
N SER A 14 -21.55 27.19 10.86
CA SER A 14 -20.55 26.13 10.88
C SER A 14 -19.26 26.65 11.50
N VAL A 15 -18.50 25.76 12.13
CA VAL A 15 -17.26 26.13 12.81
C VAL A 15 -16.08 25.43 12.14
N PHE A 16 -15.00 26.16 11.89
CA PHE A 16 -13.78 25.57 11.39
C PHE A 16 -12.60 26.01 12.22
N LEU A 17 -11.73 25.07 12.54
CA LEU A 17 -10.61 25.30 13.43
C LEU A 17 -9.33 25.10 12.62
N PHE A 18 -8.37 26.03 12.75
CA PHE A 18 -7.16 26.02 11.95
C PHE A 18 -5.88 25.92 12.75
N PRO A 19 -4.92 25.17 12.23
CA PRO A 19 -3.65 25.03 12.94
C PRO A 19 -2.75 26.22 12.69
N PRO A 20 -1.78 26.41 13.55
CA PRO A 20 -0.83 27.50 13.37
C PRO A 20 0.05 27.27 12.15
N LYS A 21 0.51 28.37 11.55
CA LYS A 21 1.35 28.29 10.39
C LYS A 21 2.63 27.59 10.74
N PRO A 22 3.10 26.70 9.76
CA PRO A 22 4.28 25.95 10.17
C PRO A 22 5.49 26.84 10.34
N LYS A 23 5.69 27.75 9.40
CA LYS A 23 6.83 28.66 9.50
C LYS A 23 6.90 29.32 10.86
N ASP A 24 5.72 29.58 11.44
CA ASP A 24 5.55 30.20 12.77
C ASP A 24 5.87 29.23 13.92
N THR A 25 5.65 27.95 13.64
CA THR A 25 5.95 26.90 14.57
C THR A 25 7.44 26.77 14.79
N LEU A 26 8.17 26.84 13.69
CA LEU A 26 9.60 26.60 13.72
C LEU A 26 10.46 27.61 14.46
N MET A 27 10.20 28.90 14.24
CA MET A 27 11.07 29.89 14.84
C MET A 27 10.39 30.68 15.93
N ILE A 28 10.96 30.59 17.13
CA ILE A 28 10.43 31.27 18.30
C ILE A 28 10.25 32.77 18.07
N SER A 29 10.83 33.25 16.97
CA SER A 29 10.76 34.67 16.62
C SER A 29 9.39 35.00 16.05
N ARG A 30 8.65 33.96 15.67
CA ARG A 30 7.32 34.16 15.12
C ARG A 30 6.25 33.74 16.14
N THR A 31 5.01 34.09 15.86
CA THR A 31 3.91 33.83 16.79
C THR A 31 2.87 32.88 16.18
N PRO A 32 2.88 31.63 16.64
CA PRO A 32 1.97 30.60 16.15
C PRO A 32 0.58 30.76 16.71
N GLU A 33 -0.44 30.67 15.86
CA GLU A 33 -1.77 30.94 16.34
C GLU A 33 -2.78 29.92 15.80
N VAL A 34 -3.56 29.33 16.74
CA VAL A 34 -4.70 28.46 16.40
C VAL A 34 -5.94 29.32 16.30
N THR A 35 -6.66 29.14 15.20
CA THR A 35 -7.77 30.01 14.87
C THR A 35 -9.10 29.32 14.71
N CYS A 36 -10.09 29.81 15.45
CA CYS A 36 -11.43 29.29 15.33
C CYS A 36 -12.19 30.28 14.46
N VAL A 37 -12.73 29.78 13.35
CA VAL A 37 -13.44 30.62 12.40
C VAL A 37 -14.90 30.21 12.31
N VAL A 38 -15.82 31.10 12.66
CA VAL A 38 -17.24 30.81 12.56
C VAL A 38 -17.80 31.55 11.37
N VAL A 39 -18.54 30.86 10.52
CA VAL A 39 -19.04 31.46 9.30
C VAL A 39 -20.53 31.22 9.15
N ASP A 40 -21.15 31.96 8.22
CA ASP A 40 -22.55 31.73 7.92
C ASP A 40 -23.40 31.83 9.18
N VAL A 41 -23.34 32.98 9.85
CA VAL A 41 -24.07 33.13 11.09
C VAL A 41 -25.41 33.81 10.87
N SER A 42 -26.26 33.82 11.90
CA SER A 42 -27.58 34.45 11.84
C SER A 42 -27.51 35.91 11.45
N HIS A 43 -28.66 36.52 11.22
CA HIS A 43 -28.70 37.93 10.89
C HIS A 43 -29.33 38.77 11.98
N GLU A 44 -29.89 38.13 13.00
CA GLU A 44 -30.42 38.86 14.15
C GLU A 44 -29.69 38.54 15.44
N ASP A 45 -28.64 37.72 15.36
CA ASP A 45 -27.82 37.39 16.52
C ASP A 45 -26.34 37.56 16.25
N PRO A 46 -25.86 38.80 16.26
CA PRO A 46 -24.46 39.14 15.92
C PRO A 46 -23.48 38.85 17.05
N GLU A 47 -23.77 37.84 17.86
CA GLU A 47 -22.98 37.55 19.04
C GLU A 47 -22.73 36.05 19.18
N VAL A 48 -21.45 35.70 19.33
CA VAL A 48 -21.01 34.33 19.54
C VAL A 48 -20.03 34.30 20.70
N LYS A 49 -20.05 33.23 21.49
CA LYS A 49 -19.14 33.08 22.61
C LYS A 49 -18.14 31.95 22.36
N PHE A 50 -16.86 32.25 22.58
CA PHE A 50 -15.81 31.26 22.40
C PHE A 50 -15.31 30.72 23.74
N ASN A 51 -15.08 29.41 23.80
CA ASN A 51 -14.50 28.78 24.97
C ASN A 51 -13.33 27.90 24.55
N TRP A 52 -12.10 28.26 24.90
CA TRP A 52 -10.91 27.50 24.51
C TRP A 52 -10.44 26.56 25.61
N TYR A 53 -9.98 25.38 25.26
CA TYR A 53 -9.52 24.39 26.24
C TYR A 53 -8.17 23.82 25.81
N VAL A 54 -7.21 23.76 26.73
CA VAL A 54 -5.94 23.10 26.41
C VAL A 54 -5.79 21.80 27.18
N ASP A 55 -5.91 20.68 26.46
CA ASP A 55 -5.86 19.36 27.07
C ASP A 55 -6.92 19.22 28.16
N GLY A 56 -8.07 19.86 27.95
CA GLY A 56 -9.22 19.77 28.85
C GLY A 56 -9.38 20.88 29.87
N VAL A 57 -8.39 21.76 29.92
CA VAL A 57 -8.34 22.93 30.79
C VAL A 57 -8.56 24.22 30.02
N GLU A 58 -9.52 25.01 30.50
CA GLU A 58 -9.95 26.23 29.83
C GLU A 58 -8.87 27.30 30.01
N VAL A 59 -8.72 28.16 29.01
CA VAL A 59 -7.83 29.29 29.13
C VAL A 59 -8.52 30.51 28.60
N HIS A 60 -7.97 31.68 28.88
CA HIS A 60 -8.49 32.94 28.37
C HIS A 60 -7.47 33.80 27.63
N ASN A 61 -6.56 33.16 26.92
CA ASN A 61 -5.52 33.84 26.15
C ASN A 61 -6.08 34.56 24.94
N ALA A 62 -7.32 34.27 24.60
CA ALA A 62 -7.86 34.50 23.28
C ALA A 62 -8.16 35.92 22.93
N LYS A 63 -8.56 36.13 21.68
CA LYS A 63 -8.95 37.46 21.21
C LYS A 63 -9.99 37.36 20.09
N THR A 64 -11.18 37.87 20.30
CA THR A 64 -12.14 37.74 19.23
C THR A 64 -12.02 38.89 18.25
N LYS A 65 -12.12 38.55 16.98
CA LYS A 65 -12.15 39.51 15.90
C LYS A 65 -13.46 40.25 15.79
N PRO A 66 -13.39 41.50 15.17
CA PRO A 66 -14.71 42.12 14.94
C PRO A 66 -15.59 41.36 13.98
N ARG A 67 -16.90 41.54 14.14
CA ARG A 67 -17.88 40.73 13.40
C ARG A 67 -18.19 41.26 12.03
N GLU A 68 -17.34 40.88 11.08
CA GLU A 68 -17.39 41.40 9.72
C GLU A 68 -17.05 40.29 8.70
N GLU A 69 -17.67 40.34 7.52
CA GLU A 69 -18.79 41.23 7.22
C GLU A 69 -19.98 40.45 6.71
N GLN A 70 -19.72 39.61 5.71
CA GLN A 70 -20.65 38.58 5.26
C GLN A 70 -19.86 37.51 4.48
N TYR A 71 -19.46 37.86 3.27
CA TYR A 71 -20.03 39.01 2.59
C TYR A 71 -21.47 38.80 2.13
N ASN A 72 -21.71 37.64 1.54
CA ASN A 72 -22.89 37.41 0.75
C ASN A 72 -24.13 37.61 1.58
N SER A 73 -24.12 37.01 2.77
CA SER A 73 -25.10 37.27 3.79
C SER A 73 -24.45 36.77 5.05
N THR A 74 -24.91 37.20 6.21
CA THR A 74 -24.29 36.70 7.41
C THR A 74 -23.01 37.43 7.72
N TYR A 75 -22.26 36.85 8.64
CA TYR A 75 -21.02 37.41 9.11
C TYR A 75 -20.05 36.32 9.25
N ARG A 76 -18.79 36.66 9.40
CA ARG A 76 -17.83 35.70 9.88
C ARG A 76 -17.14 36.26 11.10
N VAL A 77 -17.28 35.59 12.24
CA VAL A 77 -16.52 35.91 13.44
C VAL A 77 -15.28 35.03 13.59
N VAL A 78 -14.14 35.63 13.83
CA VAL A 78 -12.91 34.87 13.97
C VAL A 78 -12.25 35.05 15.35
N SER A 79 -12.07 33.96 16.10
CA SER A 79 -11.38 34.07 17.37
C SER A 79 -9.98 33.51 17.24
N VAL A 80 -9.01 34.32 17.64
CA VAL A 80 -7.62 33.93 17.50
C VAL A 80 -7.00 33.67 18.87
N LEU A 81 -6.56 32.45 19.11
CA LEU A 81 -5.85 32.23 20.34
C LEU A 81 -4.56 31.80 19.78
N THR A 82 -3.55 32.57 20.15
CA THR A 82 -2.15 32.30 19.96
C THR A 82 -1.70 31.22 20.93
N VAL A 83 -0.66 30.49 20.56
CA VAL A 83 -0.19 29.37 21.37
C VAL A 83 1.31 29.37 21.55
N LEU A 84 1.75 28.65 22.56
CA LEU A 84 3.18 28.45 22.81
C LEU A 84 3.82 27.51 21.80
N HIS A 85 5.06 27.83 21.42
CA HIS A 85 5.79 27.06 20.43
C HIS A 85 5.95 25.61 20.86
N GLN A 86 6.29 25.42 22.13
CA GLN A 86 6.55 24.08 22.65
C GLN A 86 5.28 23.23 22.77
N ASP A 87 4.19 23.86 23.19
CA ASP A 87 2.95 23.15 23.42
C ASP A 87 2.42 22.45 22.17
N TRP A 88 2.47 23.15 21.05
CA TRP A 88 1.93 22.59 19.81
C TRP A 88 2.75 21.41 19.38
N LEU A 89 4.05 21.54 19.55
CA LEU A 89 5.02 20.51 19.15
C LEU A 89 4.92 19.31 20.09
N ASN A 90 4.49 19.55 21.32
CA ASN A 90 4.35 18.47 22.28
C ASN A 90 3.04 17.70 22.08
N GLY A 91 2.18 18.24 21.22
CA GLY A 91 0.99 17.54 20.82
C GLY A 91 -0.22 17.83 21.69
N LYS A 92 -0.20 19.02 22.27
CA LYS A 92 -1.26 19.49 23.16
C LYS A 92 -2.56 19.73 22.41
N GLU A 93 -3.68 19.37 23.03
CA GLU A 93 -4.97 19.45 22.35
C GLU A 93 -5.65 20.81 22.55
N TYR A 94 -6.26 21.33 21.49
CA TYR A 94 -6.92 22.62 21.56
C TYR A 94 -8.40 22.55 21.13
N LYS A 95 -9.32 22.70 22.08
CA LYS A 95 -10.74 22.59 21.77
C LYS A 95 -11.36 23.97 21.79
N CYS A 96 -12.08 24.25 20.72
CA CYS A 96 -12.72 25.53 20.51
C CYS A 96 -14.22 25.39 20.52
N LYS A 97 -14.84 25.67 21.67
CA LYS A 97 -16.26 25.57 21.80
C LYS A 97 -16.93 26.87 21.41
N VAL A 98 -17.69 26.80 20.31
CA VAL A 98 -18.42 27.95 19.78
C VAL A 98 -19.86 27.92 20.27
N SER A 99 -20.21 28.98 20.99
CA SER A 99 -21.53 29.18 21.55
C SER A 99 -22.19 30.28 20.75
N ASN A 100 -23.43 30.05 20.29
CA ASN A 100 -24.11 30.99 19.42
C ASN A 100 -25.48 31.58 19.81
N LYS A 101 -26.32 30.77 20.47
CA LYS A 101 -27.70 31.10 20.90
C LYS A 101 -28.73 30.95 19.78
N ALA A 102 -28.26 30.85 18.54
CA ALA A 102 -29.13 30.41 17.46
C ALA A 102 -28.67 29.03 17.06
N LEU A 103 -28.06 28.30 17.98
CA LEU A 103 -27.43 27.02 17.64
C LEU A 103 -27.51 25.88 18.67
N PRO A 104 -28.62 25.14 18.69
CA PRO A 104 -28.74 23.86 19.39
C PRO A 104 -28.00 22.83 18.56
N ALA A 105 -26.85 22.31 18.97
CA ALA A 105 -26.20 22.52 20.25
C ALA A 105 -24.79 23.02 19.99
N PRO A 106 -24.21 23.81 20.93
CA PRO A 106 -22.89 24.42 20.78
C PRO A 106 -21.88 23.43 20.26
N ILE A 107 -21.13 23.86 19.23
CA ILE A 107 -20.15 23.04 18.51
C ILE A 107 -18.72 23.11 19.03
N GLU A 108 -18.09 21.96 19.28
CA GLU A 108 -16.71 21.91 19.74
C GLU A 108 -15.81 21.36 18.62
N LYS A 109 -14.64 21.95 18.43
CA LYS A 109 -13.70 21.45 17.42
C LYS A 109 -12.33 21.29 18.06
N THR A 110 -11.69 20.13 17.87
CA THR A 110 -10.39 19.88 18.48
C THR A 110 -9.33 19.64 17.41
N ILE A 111 -8.12 20.10 17.69
CA ILE A 111 -7.01 19.99 16.76
C ILE A 111 -5.70 19.82 17.52
N SER A 112 -4.72 19.19 16.89
CA SER A 112 -3.40 19.00 17.49
C SER A 112 -2.36 18.53 16.46
N LYS A 113 -1.12 18.36 16.90
CA LYS A 113 -0.10 17.82 16.02
C LYS A 113 -0.38 16.34 15.83
N ALA A 114 -0.02 15.81 14.68
CA ALA A 114 -0.18 14.40 14.38
C ALA A 114 0.63 13.55 15.36
N LYS A 115 -0.05 12.62 16.04
CA LYS A 115 0.62 11.78 17.04
C LYS A 115 1.33 10.57 16.40
N GLY A 116 2.60 10.76 16.01
CA GLY A 116 3.37 9.68 15.45
C GLY A 116 4.87 9.90 15.56
N GLN A 117 5.65 9.02 14.95
CA GLN A 117 7.10 9.14 15.01
C GLN A 117 7.59 10.18 14.01
N PRO A 118 8.23 11.24 14.49
CA PRO A 118 8.65 12.34 13.61
C PRO A 118 9.79 11.93 12.68
N ARG A 119 9.61 12.10 11.37
CA ARG A 119 10.65 11.71 10.41
C ARG A 119 11.20 12.88 9.58
N GLU A 120 12.53 12.95 9.46
CA GLU A 120 13.13 14.06 8.75
C GLU A 120 13.02 13.92 7.22
N PRO A 121 12.65 15.03 6.55
CA PRO A 121 12.46 15.04 5.09
C PRO A 121 13.74 14.89 4.29
N GLN A 122 13.62 14.22 3.16
CA GLN A 122 14.69 14.06 2.19
C GLN A 122 14.43 15.05 1.07
N VAL A 123 15.37 15.97 0.83
CA VAL A 123 15.15 17.02 -0.14
C VAL A 123 15.91 16.82 -1.43
N TYR A 124 15.20 16.78 -2.55
CA TYR A 124 15.84 16.59 -3.84
C TYR A 124 15.48 17.65 -4.89
N THR A 125 16.50 18.35 -5.41
CA THR A 125 16.27 19.37 -6.44
C THR A 125 16.41 18.74 -7.79
N LEU A 126 15.48 19.05 -8.68
CA LEU A 126 15.43 18.43 -9.99
C LEU A 126 15.35 19.43 -11.14
N PRO A 127 16.27 19.33 -12.11
CA PRO A 127 16.42 20.15 -13.31
C PRO A 127 15.24 19.95 -14.27
N PRO A 128 15.01 20.92 -15.18
CA PRO A 128 13.95 20.82 -16.20
C PRO A 128 14.18 19.64 -17.16
N SER A 129 13.11 19.04 -17.67
CA SER A 129 13.23 17.94 -18.63
C SER A 129 13.88 18.50 -19.89
N ARG A 130 14.62 17.68 -20.62
CA ARG A 130 15.28 18.17 -21.84
C ARG A 130 14.21 18.57 -22.84
N ASP A 131 13.05 17.97 -22.66
CA ASP A 131 11.89 18.26 -23.46
C ASP A 131 11.42 19.66 -23.22
N GLU A 132 11.51 20.13 -21.98
CA GLU A 132 10.90 21.41 -21.62
C GLU A 132 11.78 22.56 -22.11
N LEU A 133 12.95 22.24 -22.63
CA LEU A 133 13.86 23.28 -23.03
C LEU A 133 13.25 24.14 -24.14
N THR A 134 12.50 23.50 -25.01
CA THR A 134 11.94 24.17 -26.18
C THR A 134 11.01 25.30 -25.77
N LYS A 135 10.46 25.22 -24.57
CA LYS A 135 9.54 26.25 -24.10
C LYS A 135 10.33 27.44 -23.53
N ASN A 136 9.69 28.58 -23.48
CA ASN A 136 10.28 29.82 -22.98
C ASN A 136 10.47 29.82 -21.47
N GLN A 137 9.59 29.11 -20.78
CA GLN A 137 9.66 28.96 -19.34
C GLN A 137 9.92 27.50 -18.96
N VAL A 138 10.88 27.28 -18.05
CA VAL A 138 11.18 25.94 -17.57
C VAL A 138 10.80 25.72 -16.07
N SER A 139 10.70 24.46 -15.65
CA SER A 139 10.26 24.17 -14.28
C SER A 139 11.38 23.62 -13.38
N LEU A 140 11.66 24.28 -12.27
CA LEU A 140 12.60 23.69 -11.31
C LEU A 140 11.83 23.02 -10.19
N THR A 141 12.06 21.72 -10.06
CA THR A 141 11.26 20.88 -9.22
C THR A 141 12.00 20.48 -7.95
N CYS A 142 11.39 20.74 -6.80
CA CYS A 142 11.98 20.30 -5.56
C CYS A 142 11.07 19.26 -4.93
N LEU A 143 11.61 18.06 -4.79
CA LEU A 143 10.93 16.90 -4.21
C LEU A 143 11.34 16.76 -2.75
N VAL A 144 10.35 16.75 -1.86
CA VAL A 144 10.55 16.58 -0.42
C VAL A 144 9.75 15.35 0.03
N LYS A 145 10.40 14.30 0.53
CA LYS A 145 9.72 13.03 0.82
C LYS A 145 10.06 12.40 2.18
N GLY A 146 9.20 11.51 2.64
CA GLY A 146 9.50 10.75 3.84
C GLY A 146 9.56 11.59 5.09
N PHE A 147 8.66 12.57 5.22
CA PHE A 147 8.63 13.40 6.42
C PHE A 147 7.31 13.18 7.20
N TYR A 148 7.39 13.39 8.51
CA TYR A 148 6.24 13.30 9.41
C TYR A 148 6.46 14.21 10.64
N PRO A 149 5.44 15.00 11.01
CA PRO A 149 4.14 15.08 10.34
C PRO A 149 4.22 15.96 9.13
N SER A 150 3.07 16.24 8.53
CA SER A 150 2.99 16.98 7.28
C SER A 150 3.29 18.45 7.46
N ASP A 151 3.27 18.92 8.71
CA ASP A 151 3.49 20.34 8.94
C ASP A 151 4.87 20.71 8.48
N ILE A 152 4.89 21.32 7.30
CA ILE A 152 6.15 21.69 6.67
C ILE A 152 5.98 22.99 5.86
N ALA A 153 7.09 23.67 5.60
CA ALA A 153 7.07 24.92 4.85
C ALA A 153 8.10 24.87 3.75
N VAL A 154 7.68 25.23 2.53
CA VAL A 154 8.57 25.18 1.39
C VAL A 154 8.64 26.52 0.67
N GLU A 155 9.84 27.05 0.51
CA GLU A 155 10.03 28.31 -0.20
C GLU A 155 11.27 28.26 -1.11
N TRP A 156 11.32 29.16 -2.07
CA TRP A 156 12.42 29.24 -3.02
C TRP A 156 13.19 30.53 -2.79
N GLU A 157 14.49 30.49 -3.09
CA GLU A 157 15.37 31.64 -3.01
C GLU A 157 16.36 31.68 -4.18
N SER A 158 16.89 32.86 -4.45
CA SER A 158 17.90 33.10 -5.47
C SER A 158 19.10 33.70 -4.76
N ASN A 159 20.13 34.06 -5.51
CA ASN A 159 21.41 34.53 -4.99
C ASN A 159 21.26 35.31 -3.68
N GLY A 160 20.45 36.37 -3.75
CA GLY A 160 20.20 37.23 -2.60
C GLY A 160 18.74 37.53 -2.24
N GLN A 161 17.83 37.38 -3.22
CA GLN A 161 16.39 37.59 -3.01
C GLN A 161 15.57 36.33 -3.23
N PRO A 162 14.46 36.18 -2.51
CA PRO A 162 13.58 35.02 -2.69
C PRO A 162 12.82 35.09 -4.03
N GLU A 163 12.52 33.94 -4.60
CA GLU A 163 11.75 33.88 -5.85
C GLU A 163 10.28 33.60 -5.56
N ASN A 164 9.40 33.95 -6.50
CA ASN A 164 7.99 33.65 -6.35
C ASN A 164 7.48 32.95 -7.62
N ASN A 165 6.21 33.14 -7.95
CA ASN A 165 5.52 32.39 -9.01
C ASN A 165 5.97 30.93 -9.08
N TYR A 166 5.78 30.25 -7.96
CA TYR A 166 6.08 28.84 -7.77
C TYR A 166 4.91 28.32 -6.98
N LYS A 167 4.61 27.03 -7.08
CA LYS A 167 3.49 26.51 -6.31
C LYS A 167 3.87 25.21 -5.61
N THR A 168 3.38 24.98 -4.41
CA THR A 168 3.73 23.74 -3.71
C THR A 168 2.48 22.87 -3.48
N THR A 169 2.58 21.60 -3.85
CA THR A 169 1.49 20.63 -3.73
C THR A 169 1.16 20.38 -2.27
N PRO A 170 -0.10 19.96 -2.01
CA PRO A 170 -0.54 19.52 -0.70
C PRO A 170 0.25 18.32 -0.29
N PRO A 171 0.50 18.19 1.02
CA PRO A 171 1.14 16.97 1.49
C PRO A 171 0.30 15.76 1.10
N VAL A 172 0.99 14.70 0.69
CA VAL A 172 0.38 13.48 0.23
C VAL A 172 0.92 12.34 1.07
N LEU A 173 0.01 11.52 1.57
CA LEU A 173 0.38 10.36 2.36
C LEU A 173 1.15 9.35 1.51
N ASP A 174 2.39 9.04 1.85
CA ASP A 174 3.13 8.09 1.03
C ASP A 174 2.80 6.63 1.42
N SER A 175 3.38 5.68 0.67
CA SER A 175 3.11 4.26 0.85
C SER A 175 3.68 3.77 2.16
N ASP A 176 4.78 4.38 2.59
CA ASP A 176 5.45 3.94 3.79
C ASP A 176 4.91 4.70 4.97
N GLY A 177 3.76 5.34 4.78
CA GLY A 177 3.12 6.02 5.90
C GLY A 177 3.69 7.40 6.18
N SER A 178 4.60 7.86 5.32
CA SER A 178 5.16 9.20 5.46
C SER A 178 4.50 10.17 4.47
N PHE A 179 4.96 11.42 4.46
CA PHE A 179 4.39 12.37 3.53
C PHE A 179 5.46 12.88 2.59
N PHE A 180 5.00 13.30 1.41
CA PHE A 180 5.85 13.96 0.44
C PHE A 180 5.04 15.00 -0.29
N LEU A 181 5.74 15.97 -0.88
CA LEU A 181 5.15 16.95 -1.75
C LEU A 181 6.12 17.44 -2.79
N TYR A 182 5.60 18.25 -3.70
CA TYR A 182 6.41 18.87 -4.73
C TYR A 182 6.23 20.38 -4.75
N SER A 183 7.34 21.07 -4.98
CA SER A 183 7.37 22.51 -5.16
C SER A 183 7.91 22.77 -6.55
N LYS A 184 7.12 23.47 -7.35
CA LYS A 184 7.45 23.76 -8.74
C LYS A 184 7.70 25.26 -8.88
N LEU A 185 8.96 25.62 -9.14
CA LEU A 185 9.36 27.02 -9.40
C LEU A 185 9.45 27.35 -10.88
N THR A 186 8.78 28.40 -11.32
CA THR A 186 8.80 28.71 -12.75
C THR A 186 9.71 29.89 -13.07
N VAL A 187 10.73 29.65 -13.90
CA VAL A 187 11.67 30.70 -14.28
C VAL A 187 11.78 30.77 -15.80
N ASP A 188 12.22 31.92 -16.32
CA ASP A 188 12.43 32.09 -17.76
C ASP A 188 13.59 31.19 -18.16
N LYS A 189 13.49 30.51 -19.30
CA LYS A 189 14.53 29.57 -19.73
C LYS A 189 15.87 30.27 -19.90
N SER A 190 15.81 31.52 -20.36
CA SER A 190 17.00 32.33 -20.58
C SER A 190 17.82 32.49 -19.32
N ARG A 191 17.11 32.58 -18.20
CA ARG A 191 17.74 32.73 -16.90
C ARG A 191 18.33 31.40 -16.46
N TRP A 192 17.72 30.30 -16.90
CA TRP A 192 18.21 28.99 -16.48
C TRP A 192 19.52 28.60 -17.18
N GLN A 193 19.62 28.85 -18.47
CA GLN A 193 20.79 28.41 -19.22
C GLN A 193 22.04 29.21 -18.82
N GLN A 194 21.89 30.27 -18.01
CA GLN A 194 23.03 31.04 -17.50
C GLN A 194 23.72 30.30 -16.35
N GLY A 195 24.37 31.05 -15.46
CA GLY A 195 24.99 30.42 -14.30
C GLY A 195 24.22 30.61 -13.02
N ASN A 196 22.95 30.99 -13.10
CA ASN A 196 22.17 31.23 -11.89
C ASN A 196 21.93 30.00 -11.01
N VAL A 197 22.04 30.23 -9.71
CA VAL A 197 21.91 29.21 -8.68
C VAL A 197 20.63 29.40 -7.91
N PHE A 198 19.72 28.42 -7.98
CA PHE A 198 18.46 28.47 -7.24
C PHE A 198 18.45 27.53 -6.04
N SER A 199 17.87 27.94 -4.93
CA SER A 199 17.81 27.05 -3.78
C SER A 199 16.37 26.73 -3.35
N CYS A 200 16.22 25.54 -2.79
CA CYS A 200 14.95 25.07 -2.30
C CYS A 200 15.16 24.98 -0.79
N SER A 201 14.62 25.95 -0.04
CA SER A 201 14.77 25.94 1.42
C SER A 201 13.57 25.27 2.07
N VAL A 202 13.86 24.36 2.99
CA VAL A 202 12.83 23.57 3.65
C VAL A 202 12.92 23.69 5.16
N MET A 203 11.79 24.00 5.77
CA MET A 203 11.69 24.12 7.22
C MET A 203 10.77 23.03 7.77
N HIS A 204 11.26 22.22 8.71
CA HIS A 204 10.48 21.14 9.32
C HIS A 204 11.00 20.81 10.72
N GLU A 205 10.12 20.34 11.60
CA GLU A 205 10.49 20.14 12.99
C GLU A 205 11.55 19.06 13.16
N ALA A 206 11.51 18.05 12.29
CA ALA A 206 12.43 16.90 12.38
C ALA A 206 13.81 17.21 11.81
N LEU A 207 13.90 18.28 11.02
CA LEU A 207 15.20 18.71 10.49
C LEU A 207 16.00 19.31 11.63
N HIS A 208 17.31 19.06 11.63
CA HIS A 208 18.19 19.71 12.58
C HIS A 208 18.22 21.20 12.26
N ASN A 209 18.09 22.00 13.31
CA ASN A 209 17.95 23.46 13.20
C ASN A 209 16.69 23.84 12.45
N HIS A 210 15.75 22.90 12.36
CA HIS A 210 14.43 23.13 11.77
C HIS A 210 14.49 23.81 10.42
N TYR A 211 15.58 23.55 9.70
CA TYR A 211 15.85 24.17 8.43
C TYR A 211 16.87 23.33 7.66
N THR A 212 16.62 23.19 6.37
CA THR A 212 17.58 22.65 5.44
C THR A 212 17.40 23.39 4.14
N GLN A 213 18.38 23.22 3.26
CA GLN A 213 18.47 23.93 2.00
C GLN A 213 19.20 23.06 0.98
N LYS A 214 18.69 23.09 -0.25
CA LYS A 214 19.30 22.37 -1.37
C LYS A 214 19.42 23.28 -2.60
N SER A 215 20.62 23.35 -3.21
CA SER A 215 20.83 24.19 -4.40
C SER A 215 20.60 23.43 -5.70
N LEU A 216 20.19 24.14 -6.74
CA LEU A 216 19.94 23.55 -8.06
C LEU A 216 20.48 24.48 -9.15
N SER A 217 21.58 24.07 -9.76
CA SER A 217 22.25 24.89 -10.76
C SER A 217 22.45 24.10 -12.04
N LEU A 218 23.01 24.76 -13.04
CA LEU A 218 23.22 24.12 -14.33
C LEU A 218 24.59 23.46 -14.45
N PRO B 13 -32.67 21.56 5.82
CA PRO B 13 -31.81 20.57 5.16
C PRO B 13 -30.90 21.21 4.11
N SER B 14 -29.66 20.75 3.97
CA SER B 14 -28.79 21.35 2.98
C SER B 14 -28.51 20.35 1.86
N VAL B 15 -28.31 20.86 0.65
CA VAL B 15 -28.14 19.98 -0.50
C VAL B 15 -26.76 20.13 -1.15
N PHE B 16 -26.07 19.00 -1.27
CA PHE B 16 -24.76 18.94 -1.89
C PHE B 16 -24.69 17.95 -3.04
N LEU B 17 -24.11 18.40 -4.15
CA LEU B 17 -24.06 17.60 -5.38
C LEU B 17 -22.62 17.35 -5.74
N PHE B 18 -22.27 16.10 -5.98
CA PHE B 18 -20.87 15.77 -6.23
C PHE B 18 -20.71 15.19 -7.61
N PRO B 19 -19.61 15.59 -8.27
CA PRO B 19 -19.21 15.15 -9.61
C PRO B 19 -18.54 13.77 -9.59
N PRO B 20 -18.53 13.08 -10.72
CA PRO B 20 -17.87 11.77 -10.79
C PRO B 20 -16.37 11.85 -10.63
N LYS B 21 -15.78 10.71 -10.34
CA LYS B 21 -14.34 10.65 -10.25
C LYS B 21 -13.77 10.65 -11.68
N PRO B 22 -12.69 11.43 -11.91
CA PRO B 22 -12.03 11.52 -13.22
C PRO B 22 -11.59 10.15 -13.75
N LYS B 23 -11.20 9.25 -12.87
CA LYS B 23 -10.84 7.92 -13.33
C LYS B 23 -12.08 7.21 -13.91
N ASP B 24 -13.26 7.46 -13.33
CA ASP B 24 -14.48 6.82 -13.84
C ASP B 24 -14.91 7.45 -15.17
N THR B 25 -14.73 8.75 -15.36
CA THR B 25 -15.19 9.42 -16.59
C THR B 25 -14.34 9.10 -17.79
N LEU B 26 -13.04 8.94 -17.55
CA LEU B 26 -12.05 8.78 -18.63
C LEU B 26 -11.90 7.33 -19.01
N MET B 27 -12.53 6.46 -18.22
CA MET B 27 -12.47 5.01 -18.46
C MET B 27 -13.82 4.39 -18.76
N ILE B 28 -13.85 3.73 -19.92
CA ILE B 28 -15.01 3.00 -20.44
C ILE B 28 -15.31 1.78 -19.61
N SER B 29 -14.33 1.28 -18.89
CA SER B 29 -14.59 0.14 -18.03
C SER B 29 -15.24 0.62 -16.72
N ARG B 30 -15.18 1.92 -16.41
CA ARG B 30 -15.78 2.38 -15.18
C ARG B 30 -17.09 3.14 -15.37
N THR B 31 -17.79 3.36 -14.26
CA THR B 31 -19.08 4.02 -14.31
C THR B 31 -19.02 5.32 -13.59
N PRO B 32 -19.03 6.42 -14.33
CA PRO B 32 -19.00 7.73 -13.66
C PRO B 32 -20.37 8.09 -13.09
N GLU B 33 -20.38 8.60 -11.86
CA GLU B 33 -21.62 8.92 -11.18
C GLU B 33 -21.63 10.26 -10.47
N VAL B 34 -22.65 11.06 -10.78
CA VAL B 34 -22.97 12.25 -9.97
C VAL B 34 -23.74 11.78 -8.71
N THR B 35 -23.46 12.39 -7.57
CA THR B 35 -24.05 12.05 -6.27
C THR B 35 -24.80 13.22 -5.60
N CYS B 36 -26.07 13.04 -5.24
CA CYS B 36 -26.80 14.11 -4.53
C CYS B 36 -26.95 13.78 -3.05
N VAL B 37 -26.40 14.62 -2.18
CA VAL B 37 -26.45 14.30 -0.75
C VAL B 37 -27.26 15.27 0.10
N VAL B 38 -28.25 14.72 0.80
CA VAL B 38 -29.09 15.55 1.66
C VAL B 38 -28.71 15.35 3.13
N VAL B 39 -28.52 16.49 3.80
CA VAL B 39 -28.07 16.50 5.18
C VAL B 39 -29.03 17.35 5.99
N ASP B 40 -28.99 17.15 7.30
CA ASP B 40 -29.79 17.92 8.22
C ASP B 40 -31.27 17.69 7.98
N VAL B 41 -31.70 16.43 7.95
CA VAL B 41 -33.12 16.13 7.81
C VAL B 41 -33.64 15.72 9.19
N SER B 42 -34.95 15.68 9.36
CA SER B 42 -35.55 15.36 10.65
C SER B 42 -36.03 13.92 10.83
N HIS B 43 -36.57 13.61 12.01
CA HIS B 43 -37.22 12.33 12.21
C HIS B 43 -38.67 12.72 12.34
N GLU B 44 -39.03 13.80 11.66
CA GLU B 44 -40.41 14.21 11.55
C GLU B 44 -40.74 14.12 10.07
N ASP B 45 -39.73 14.39 9.24
CA ASP B 45 -39.87 14.21 7.80
C ASP B 45 -38.66 13.45 7.24
N PRO B 46 -38.59 12.14 7.53
CA PRO B 46 -37.43 11.31 7.18
C PRO B 46 -37.47 10.84 5.73
N GLU B 47 -38.08 11.63 4.86
CA GLU B 47 -38.33 11.16 3.52
C GLU B 47 -38.07 12.26 2.53
N VAL B 48 -37.30 11.91 1.51
CA VAL B 48 -36.90 12.84 0.47
C VAL B 48 -37.21 12.27 -0.91
N LYS B 49 -37.69 13.11 -1.82
CA LYS B 49 -37.90 12.69 -3.20
C LYS B 49 -36.95 13.48 -4.10
N PHE B 50 -36.20 12.78 -4.96
CA PHE B 50 -35.21 13.38 -5.84
C PHE B 50 -35.70 13.51 -7.30
N ASN B 51 -35.39 14.63 -7.95
CA ASN B 51 -35.71 14.76 -9.38
C ASN B 51 -34.50 15.15 -10.20
N TRP B 52 -34.03 14.26 -11.07
CA TRP B 52 -32.82 14.57 -11.85
C TRP B 52 -33.07 15.11 -13.26
N TYR B 53 -32.32 16.14 -13.62
CA TYR B 53 -32.53 16.74 -14.92
C TYR B 53 -31.23 16.89 -15.73
N VAL B 54 -31.30 16.41 -16.97
CA VAL B 54 -30.18 16.51 -17.87
C VAL B 54 -30.51 17.55 -18.94
N ASP B 55 -29.86 18.72 -18.85
CA ASP B 55 -30.16 19.82 -19.76
C ASP B 55 -31.64 20.23 -19.74
N GLY B 56 -32.28 20.14 -18.58
CA GLY B 56 -33.67 20.58 -18.46
C GLY B 56 -34.68 19.48 -18.67
N VAL B 57 -34.17 18.31 -19.02
CA VAL B 57 -34.97 17.13 -19.28
C VAL B 57 -34.85 16.21 -18.08
N GLU B 58 -35.97 15.69 -17.59
CA GLU B 58 -35.97 14.79 -16.44
C GLU B 58 -35.53 13.37 -16.82
N VAL B 59 -34.88 12.68 -15.89
CA VAL B 59 -34.53 11.27 -16.13
C VAL B 59 -34.97 10.44 -14.93
N HIS B 60 -35.17 9.14 -15.12
CA HIS B 60 -35.74 8.35 -14.04
C HIS B 60 -34.84 7.24 -13.50
N ASN B 61 -33.66 7.08 -14.07
CA ASN B 61 -32.88 5.87 -13.90
C ASN B 61 -31.87 6.01 -12.77
N ALA B 62 -32.12 6.92 -11.84
CA ALA B 62 -31.16 7.12 -10.76
C ALA B 62 -31.23 5.95 -9.77
N LYS B 63 -30.66 6.10 -8.57
CA LYS B 63 -30.72 5.04 -7.59
C LYS B 63 -30.66 5.65 -6.20
N THR B 64 -31.63 5.33 -5.35
CA THR B 64 -31.57 5.82 -3.98
C THR B 64 -30.84 4.90 -3.03
N LYS B 65 -29.85 5.44 -2.35
CA LYS B 65 -29.20 4.75 -1.26
C LYS B 65 -30.05 5.03 -0.02
N PRO B 66 -30.11 4.07 0.91
CA PRO B 66 -30.83 4.13 2.18
C PRO B 66 -30.07 4.98 3.17
N ARG B 67 -30.75 5.60 4.13
CA ARG B 67 -30.12 6.46 5.14
C ARG B 67 -29.16 5.70 6.06
N GLU B 68 -28.32 6.42 6.81
CA GLU B 68 -27.24 5.74 7.51
C GLU B 68 -27.42 5.35 9.02
N GLU B 69 -27.70 6.25 9.97
CA GLU B 69 -27.79 7.69 9.85
C GLU B 69 -26.46 8.34 10.21
N GLN B 70 -26.48 9.65 10.44
CA GLN B 70 -25.24 10.35 10.76
C GLN B 70 -25.05 10.70 12.23
N TYR B 71 -25.58 9.91 13.13
CA TYR B 71 -25.26 10.06 14.54
C TYR B 71 -25.41 11.48 15.09
N ASN B 72 -26.53 12.07 14.77
CA ASN B 72 -26.95 13.30 15.39
C ASN B 72 -28.45 13.18 15.31
N SER B 73 -29.12 14.31 15.39
CA SER B 73 -30.54 14.29 15.18
C SER B 73 -30.79 13.79 13.78
N THR B 74 -29.94 14.20 12.84
CA THR B 74 -30.27 14.10 11.42
C THR B 74 -29.97 12.75 10.76
N TYR B 75 -30.59 12.55 9.59
CA TYR B 75 -30.26 11.47 8.69
C TYR B 75 -29.36 12.00 7.58
N ARG B 76 -29.13 11.16 6.58
CA ARG B 76 -28.36 11.56 5.43
C ARG B 76 -28.76 10.77 4.19
N VAL B 77 -29.67 11.34 3.40
CA VAL B 77 -30.16 10.75 2.17
C VAL B 77 -29.24 10.97 0.92
N VAL B 78 -28.91 9.88 0.22
CA VAL B 78 -28.03 9.98 -0.94
C VAL B 78 -28.65 9.41 -2.24
N SER B 79 -28.85 10.24 -3.26
CA SER B 79 -29.30 9.75 -4.56
C SER B 79 -28.17 9.78 -5.60
N VAL B 80 -27.95 8.66 -6.26
CA VAL B 80 -26.86 8.50 -7.18
C VAL B 80 -27.27 8.27 -8.65
N LEU B 81 -26.79 9.15 -9.54
CA LEU B 81 -27.14 9.09 -10.97
C LEU B 81 -25.95 8.80 -11.90
N THR B 82 -26.04 7.67 -12.58
CA THR B 82 -25.05 7.26 -13.56
C THR B 82 -25.07 8.21 -14.73
N VAL B 83 -23.87 8.57 -15.15
CA VAL B 83 -23.68 9.59 -16.15
C VAL B 83 -23.01 8.97 -17.35
N LEU B 84 -23.49 9.34 -18.54
CA LEU B 84 -22.89 8.86 -19.78
C LEU B 84 -21.51 9.50 -19.94
N HIS B 85 -20.53 8.75 -20.45
CA HIS B 85 -19.20 9.34 -20.61
C HIS B 85 -19.20 10.51 -21.59
N GLN B 86 -19.88 10.36 -22.74
CA GLN B 86 -19.85 11.42 -23.76
C GLN B 86 -20.57 12.64 -23.27
N ASP B 87 -21.69 12.45 -22.55
CA ASP B 87 -22.47 13.56 -22.01
C ASP B 87 -21.64 14.39 -21.06
N TRP B 88 -20.91 13.74 -20.16
CA TRP B 88 -20.12 14.50 -19.22
C TRP B 88 -18.97 15.22 -19.93
N LEU B 89 -18.32 14.59 -20.92
CA LEU B 89 -17.21 15.27 -21.62
C LEU B 89 -17.75 16.38 -22.52
N ASN B 90 -18.99 16.23 -22.98
CA ASN B 90 -19.64 17.24 -23.82
C ASN B 90 -20.22 18.40 -23.02
N GLY B 91 -20.21 18.29 -21.70
CA GLY B 91 -20.55 19.42 -20.85
C GLY B 91 -22.02 19.58 -20.47
N LYS B 92 -22.78 18.47 -20.47
CA LYS B 92 -24.20 18.47 -20.14
C LYS B 92 -24.41 18.76 -18.66
N GLU B 93 -25.43 19.56 -18.35
CA GLU B 93 -25.70 19.91 -16.95
C GLU B 93 -26.67 18.94 -16.25
N TYR B 94 -26.36 18.61 -15.01
CA TYR B 94 -27.13 17.63 -14.24
C TYR B 94 -27.67 18.30 -13.01
N LYS B 95 -29.00 18.43 -12.94
CA LYS B 95 -29.70 19.09 -11.81
C LYS B 95 -30.43 18.12 -10.90
N CYS B 96 -30.15 18.26 -9.60
CA CYS B 96 -30.74 17.42 -8.56
C CYS B 96 -31.72 18.18 -7.70
N LYS B 97 -33.01 17.98 -7.97
CA LYS B 97 -34.08 18.65 -7.23
C LYS B 97 -34.52 17.84 -6.00
N VAL B 98 -34.26 18.39 -4.83
CA VAL B 98 -34.60 17.74 -3.57
C VAL B 98 -35.89 18.27 -2.97
N SER B 99 -36.86 17.39 -2.75
CA SER B 99 -38.11 17.76 -2.14
C SER B 99 -38.28 17.12 -0.76
N ASN B 100 -38.43 17.94 0.29
CA ASN B 100 -38.64 17.42 1.64
C ASN B 100 -39.87 18.15 2.15
N LYS B 101 -40.51 17.67 3.21
CA LYS B 101 -41.72 18.32 3.71
C LYS B 101 -41.41 19.45 4.70
N ALA B 102 -40.15 19.56 5.10
CA ALA B 102 -39.70 20.64 5.99
C ALA B 102 -38.97 21.69 5.16
N LEU B 103 -39.48 21.85 3.95
CA LEU B 103 -38.86 22.66 2.92
C LEU B 103 -39.94 23.45 2.19
N PRO B 104 -39.90 24.79 2.32
CA PRO B 104 -40.94 25.58 1.65
C PRO B 104 -40.91 25.41 0.14
N PRO B 106 -38.55 23.36 -2.99
CA PRO B 106 -37.53 22.38 -3.33
C PRO B 106 -36.19 23.06 -3.62
N ILE B 107 -35.11 22.49 -3.11
CA ILE B 107 -33.77 23.02 -3.33
C ILE B 107 -33.10 22.43 -4.58
N GLU B 108 -32.69 23.30 -5.50
CA GLU B 108 -32.06 22.82 -6.71
C GLU B 108 -30.58 23.15 -6.76
N LYS B 109 -29.83 22.14 -7.16
CA LYS B 109 -28.40 22.20 -7.31
C LYS B 109 -28.06 21.70 -8.70
N THR B 110 -27.24 22.43 -9.43
CA THR B 110 -26.85 21.99 -10.76
C THR B 110 -25.32 21.82 -10.81
N ILE B 111 -24.83 20.85 -11.56
CA ILE B 111 -23.38 20.66 -11.65
C ILE B 111 -23.00 20.16 -13.05
N SER B 112 -21.75 20.41 -13.44
CA SER B 112 -21.21 19.95 -14.73
C SER B 112 -19.69 20.03 -14.73
N LYS B 113 -19.11 19.70 -15.89
CA LYS B 113 -17.67 19.81 -16.12
C LYS B 113 -17.30 21.28 -16.10
N ALA B 114 -16.05 21.59 -15.75
CA ALA B 114 -15.57 22.98 -15.71
C ALA B 114 -15.76 23.59 -17.08
N LYS B 115 -16.47 24.70 -17.15
CA LYS B 115 -16.81 25.30 -18.44
C LYS B 115 -15.70 26.18 -19.02
N GLY B 116 -14.45 25.93 -18.61
CA GLY B 116 -13.33 26.70 -19.12
C GLY B 116 -12.71 26.24 -20.44
N GLN B 117 -11.59 26.83 -20.80
CA GLN B 117 -10.86 26.52 -22.02
C GLN B 117 -10.04 25.25 -21.91
N PRO B 118 -10.30 24.29 -22.75
CA PRO B 118 -9.65 22.96 -22.68
C PRO B 118 -8.16 22.95 -23.10
N ARG B 119 -7.27 22.67 -22.16
CA ARG B 119 -5.85 22.74 -22.48
C ARG B 119 -5.18 21.36 -22.38
N GLU B 120 -4.34 21.08 -23.38
CA GLU B 120 -3.66 19.80 -23.53
C GLU B 120 -2.52 19.72 -22.55
N PRO B 121 -2.39 18.59 -21.86
CA PRO B 121 -1.30 18.46 -20.89
C PRO B 121 0.10 18.35 -21.50
N GLN B 122 1.04 18.94 -20.78
CA GLN B 122 2.44 18.84 -21.11
C GLN B 122 3.08 17.88 -20.11
N VAL B 123 3.60 16.78 -20.62
CA VAL B 123 4.12 15.71 -19.78
C VAL B 123 5.65 15.57 -19.83
N TYR B 124 6.26 15.66 -18.66
CA TYR B 124 7.70 15.60 -18.49
C TYR B 124 8.10 14.62 -17.39
N THR B 125 8.90 13.62 -17.78
CA THR B 125 9.48 12.65 -16.87
C THR B 125 10.84 13.13 -16.40
N LEU B 126 11.09 12.98 -15.11
CA LEU B 126 12.33 13.50 -14.53
C LEU B 126 13.04 12.43 -13.75
N PRO B 127 14.32 12.17 -14.06
CA PRO B 127 15.16 11.16 -13.39
C PRO B 127 15.43 11.47 -11.94
N PRO B 128 15.86 10.46 -11.16
CA PRO B 128 16.18 10.67 -9.75
C PRO B 128 17.29 11.65 -9.59
N SER B 129 17.25 12.42 -8.52
CA SER B 129 18.31 13.37 -8.25
C SER B 129 19.55 12.56 -7.94
N ARG B 130 20.74 13.09 -8.28
CA ARG B 130 21.98 12.37 -8.06
C ARG B 130 22.17 12.18 -6.55
N ASP B 131 21.53 13.02 -5.79
CA ASP B 131 21.59 12.92 -4.35
C ASP B 131 20.87 11.72 -3.81
N GLU B 132 19.85 11.33 -4.51
CA GLU B 132 18.99 10.23 -4.03
C GLU B 132 19.59 8.88 -4.29
N LEU B 133 20.67 8.84 -5.06
CA LEU B 133 21.27 7.59 -5.50
C LEU B 133 21.89 6.75 -4.39
N THR B 134 22.26 7.39 -3.30
CA THR B 134 22.81 6.69 -2.15
C THR B 134 21.78 5.73 -1.51
N LYS B 135 20.52 6.04 -1.76
CA LYS B 135 19.42 5.30 -1.23
C LYS B 135 19.10 4.07 -2.08
N ASN B 136 18.43 3.10 -1.46
CA ASN B 136 18.00 1.85 -2.09
C ASN B 136 16.80 1.99 -2.98
N GLN B 137 15.92 2.94 -2.69
CA GLN B 137 14.77 3.21 -3.57
C GLN B 137 14.89 4.62 -4.14
N VAL B 138 14.70 4.78 -5.43
CA VAL B 138 14.76 6.13 -6.00
C VAL B 138 13.39 6.53 -6.47
N SER B 139 13.30 7.81 -6.81
CA SER B 139 12.07 8.44 -7.22
C SER B 139 12.15 8.72 -8.73
N LEU B 140 11.17 8.24 -9.48
CA LEU B 140 10.99 8.62 -10.88
C LEU B 140 9.84 9.63 -10.90
N THR B 141 10.05 10.83 -11.46
CA THR B 141 8.97 11.84 -11.32
C THR B 141 8.18 12.18 -12.58
N CYS B 142 6.87 12.21 -12.56
CA CYS B 142 6.18 12.64 -13.78
C CYS B 142 5.49 13.98 -13.56
N LEU B 143 5.90 14.99 -14.33
CA LEU B 143 5.31 16.30 -14.23
C LEU B 143 4.34 16.44 -15.36
N VAL B 144 3.10 16.78 -15.01
CA VAL B 144 2.02 17.03 -15.98
C VAL B 144 1.54 18.45 -15.76
N LYS B 145 1.69 19.34 -16.76
CA LYS B 145 1.32 20.75 -16.52
C LYS B 145 0.48 21.41 -17.63
N GLY B 146 -0.19 22.49 -17.26
CA GLY B 146 -0.90 23.30 -18.24
C GLY B 146 -2.02 22.56 -18.91
N PHE B 147 -2.76 21.77 -18.14
CA PHE B 147 -3.90 21.02 -18.67
C PHE B 147 -5.13 21.59 -17.99
N TYR B 148 -6.26 21.54 -18.70
CA TYR B 148 -7.58 21.97 -18.22
C TYR B 148 -8.67 21.17 -18.92
N PRO B 149 -9.66 20.67 -18.18
CA PRO B 149 -9.86 20.85 -16.75
C PRO B 149 -8.95 20.00 -15.89
N SER B 150 -9.34 19.93 -14.64
CA SER B 150 -8.64 19.27 -13.57
C SER B 150 -8.76 17.74 -13.72
N ASP B 151 -9.74 17.36 -14.53
CA ASP B 151 -10.02 15.96 -14.78
C ASP B 151 -8.88 15.28 -15.49
N ILE B 152 -8.11 14.50 -14.73
CA ILE B 152 -6.95 13.80 -15.30
C ILE B 152 -6.72 12.44 -14.63
N ALA B 153 -6.02 11.55 -15.36
CA ALA B 153 -5.67 10.23 -14.85
C ALA B 153 -4.21 9.94 -15.16
N VAL B 154 -3.42 9.64 -14.13
CA VAL B 154 -1.98 9.43 -14.28
C VAL B 154 -1.57 8.09 -13.66
N GLU B 155 -0.91 7.23 -14.44
CA GLU B 155 -0.40 5.94 -13.95
C GLU B 155 0.96 5.61 -14.56
N TRP B 156 1.70 4.67 -13.96
CA TRP B 156 3.03 4.26 -14.43
C TRP B 156 3.06 2.84 -14.95
N GLU B 157 3.98 2.57 -15.87
CA GLU B 157 4.18 1.23 -16.38
C GLU B 157 5.66 0.95 -16.57
N SER B 158 6.05 -0.32 -16.53
CA SER B 158 7.43 -0.65 -16.85
C SER B 158 7.48 -1.87 -17.75
N ASN B 159 8.31 -1.81 -18.76
CA ASN B 159 8.49 -2.93 -19.65
C ASN B 159 7.18 -3.53 -20.09
N GLY B 160 6.17 -2.71 -20.28
CA GLY B 160 4.93 -3.30 -20.69
C GLY B 160 3.95 -3.66 -19.58
N GLN B 161 4.44 -3.73 -18.35
CA GLN B 161 3.58 -4.06 -17.23
C GLN B 161 3.44 -2.87 -16.27
N PRO B 162 2.28 -2.75 -15.63
CA PRO B 162 1.99 -1.65 -14.68
C PRO B 162 2.70 -1.70 -13.33
N GLU B 163 3.06 -0.51 -12.86
CA GLU B 163 3.70 -0.37 -11.57
C GLU B 163 2.64 -0.06 -10.56
N ASN B 164 2.94 -0.30 -9.30
CA ASN B 164 1.94 -0.08 -8.29
C ASN B 164 2.43 0.82 -7.20
N ASN B 165 3.75 0.86 -7.03
CA ASN B 165 4.32 1.68 -5.98
C ASN B 165 4.53 3.12 -6.46
N TYR B 166 3.43 3.81 -6.69
CA TYR B 166 3.46 5.23 -7.01
C TYR B 166 2.28 5.98 -6.37
N LYS B 167 2.47 7.28 -6.16
CA LYS B 167 1.46 8.20 -5.65
C LYS B 167 1.41 9.44 -6.51
N THR B 168 0.23 10.00 -6.67
CA THR B 168 0.05 11.23 -7.43
C THR B 168 -0.53 12.37 -6.58
N THR B 169 0.05 13.57 -6.66
CA THR B 169 -0.48 14.72 -5.94
C THR B 169 -1.86 15.13 -6.49
N PRO B 170 -2.62 15.87 -5.67
CA PRO B 170 -3.85 16.49 -6.17
C PRO B 170 -3.54 17.52 -7.27
N PRO B 171 -4.43 17.69 -8.27
CA PRO B 171 -4.13 18.76 -9.23
C PRO B 171 -3.96 20.06 -8.50
N VAL B 172 -3.03 20.87 -8.98
CA VAL B 172 -2.79 22.16 -8.37
C VAL B 172 -3.08 23.27 -9.37
N LEU B 173 -3.85 24.26 -8.92
CA LEU B 173 -4.11 25.44 -9.76
C LEU B 173 -2.83 26.29 -10.00
N ASP B 174 -2.41 26.36 -11.25
CA ASP B 174 -1.19 27.09 -11.64
C ASP B 174 -1.49 28.59 -11.79
N SER B 175 -0.45 29.43 -11.92
CA SER B 175 -0.67 30.88 -11.99
C SER B 175 -1.30 31.31 -13.32
N ASP B 176 -1.13 30.52 -14.39
CA ASP B 176 -1.72 30.90 -15.67
C ASP B 176 -3.13 30.31 -15.78
N GLY B 177 -3.69 29.87 -14.65
CA GLY B 177 -5.05 29.37 -14.65
C GLY B 177 -5.19 27.93 -15.10
N SER B 178 -4.07 27.26 -15.35
CA SER B 178 -4.12 25.86 -15.75
C SER B 178 -3.82 25.04 -14.52
N PHE B 179 -3.75 23.72 -14.65
CA PHE B 179 -3.44 22.91 -13.47
C PHE B 179 -2.18 22.11 -13.68
N PHE B 180 -1.56 21.74 -12.56
CA PHE B 180 -0.44 20.80 -12.64
C PHE B 180 -0.39 19.87 -11.46
N LEU B 181 0.23 18.71 -11.65
CA LEU B 181 0.45 17.77 -10.55
C LEU B 181 1.70 16.98 -10.81
N TYR B 182 2.09 16.21 -9.80
CA TYR B 182 3.26 15.37 -9.89
C TYR B 182 2.87 13.95 -9.54
N SER B 183 3.47 13.01 -10.26
CA SER B 183 3.31 11.59 -10.00
C SER B 183 4.68 10.98 -9.73
N LYS B 184 4.87 10.42 -8.53
CA LYS B 184 6.14 9.86 -8.07
C LYS B 184 6.10 8.33 -8.02
N LEU B 185 6.89 7.71 -8.89
CA LEU B 185 7.05 6.27 -8.95
C LEU B 185 8.23 5.83 -8.13
N THR B 186 8.05 4.85 -7.26
CA THR B 186 9.19 4.41 -6.47
C THR B 186 9.70 3.05 -6.96
N VAL B 187 10.98 3.02 -7.37
CA VAL B 187 11.62 1.77 -7.81
C VAL B 187 12.89 1.49 -7.02
N ASP B 188 13.27 0.22 -7.00
CA ASP B 188 14.51 -0.20 -6.40
C ASP B 188 15.57 0.39 -7.25
N LYS B 189 16.65 0.89 -6.65
CA LYS B 189 17.73 1.55 -7.39
C LYS B 189 18.32 0.57 -8.40
N SER B 190 18.37 -0.69 -8.00
CA SER B 190 18.88 -1.75 -8.86
C SER B 190 18.13 -1.85 -10.20
N ARG B 191 16.84 -1.57 -10.21
CA ARG B 191 16.05 -1.62 -11.44
C ARG B 191 16.40 -0.45 -12.32
N TRP B 192 16.71 0.67 -11.69
CA TRP B 192 16.96 1.85 -12.46
C TRP B 192 18.32 1.71 -13.17
N GLN B 193 19.28 1.18 -12.45
CA GLN B 193 20.63 1.06 -13.00
C GLN B 193 20.80 -0.01 -14.07
N GLN B 194 19.89 -0.98 -14.13
CA GLN B 194 19.96 -1.98 -15.17
C GLN B 194 19.24 -1.50 -16.43
N GLY B 195 19.09 -0.18 -16.52
CA GLY B 195 18.53 0.44 -17.71
C GLY B 195 17.08 0.17 -18.04
N ASN B 196 16.31 -0.28 -17.04
CA ASN B 196 14.90 -0.62 -17.22
C ASN B 196 14.14 0.61 -17.66
N VAL B 197 13.13 0.40 -18.50
CA VAL B 197 12.40 1.54 -19.04
C VAL B 197 11.02 1.68 -18.47
N PHE B 198 10.86 2.82 -17.82
CA PHE B 198 9.64 3.20 -17.17
C PHE B 198 8.94 4.23 -17.99
N SER B 199 7.63 4.09 -18.10
CA SER B 199 6.84 5.00 -18.88
C SER B 199 5.78 5.59 -17.98
N CYS B 200 5.38 6.82 -18.27
CA CYS B 200 4.36 7.54 -17.52
C CYS B 200 3.12 7.73 -18.38
N SER B 201 2.02 7.07 -18.04
CA SER B 201 0.78 7.16 -18.82
C SER B 201 -0.19 8.21 -18.30
N VAL B 202 -0.74 9.02 -19.20
CA VAL B 202 -1.70 10.07 -18.82
C VAL B 202 -3.01 10.09 -19.63
N MET B 203 -4.15 10.14 -18.94
CA MET B 203 -5.43 10.19 -19.63
C MET B 203 -6.13 11.49 -19.32
N HIS B 204 -6.47 12.19 -20.37
CA HIS B 204 -7.12 13.50 -20.31
C HIS B 204 -7.93 13.75 -21.59
N GLU B 205 -8.96 14.57 -21.51
CA GLU B 205 -9.84 14.78 -22.66
C GLU B 205 -9.16 15.52 -23.82
N ALA B 206 -8.27 16.45 -23.53
CA ALA B 206 -7.71 17.31 -24.57
C ALA B 206 -6.72 16.58 -25.45
N LEU B 207 -6.19 15.47 -24.95
CA LEU B 207 -5.22 14.65 -25.63
C LEU B 207 -5.81 13.87 -26.80
N HIS B 208 -5.04 13.73 -27.87
CA HIS B 208 -5.45 12.90 -28.99
C HIS B 208 -5.60 11.48 -28.50
N ASN B 209 -6.71 10.82 -28.86
CA ASN B 209 -6.98 9.48 -28.34
C ASN B 209 -7.04 9.50 -26.83
N HIS B 210 -7.26 10.67 -26.24
CA HIS B 210 -7.41 10.78 -24.78
C HIS B 210 -6.24 10.17 -23.97
N TYR B 211 -5.06 10.14 -24.58
CA TYR B 211 -3.93 9.42 -24.02
C TYR B 211 -2.61 9.96 -24.58
N THR B 212 -1.58 9.94 -23.73
CA THR B 212 -0.20 10.24 -24.10
C THR B 212 0.66 9.31 -23.31
N GLN B 213 1.95 9.25 -23.63
CA GLN B 213 2.85 8.36 -22.95
C GLN B 213 4.25 8.98 -22.99
N LYS B 214 4.96 9.00 -21.87
CA LYS B 214 6.31 9.52 -21.83
C LYS B 214 7.24 8.56 -21.14
N SER B 215 8.31 8.20 -21.80
CA SER B 215 9.27 7.26 -21.23
C SER B 215 10.46 7.93 -20.58
N LEU B 216 10.99 7.23 -19.59
CA LEU B 216 12.09 7.69 -18.75
C LEU B 216 12.99 6.50 -18.59
N SER B 217 14.23 6.65 -19.00
CA SER B 217 15.19 5.57 -18.83
C SER B 217 16.49 6.10 -18.25
N LEU B 218 17.45 5.21 -18.05
CA LEU B 218 18.78 5.65 -17.61
C LEU B 218 19.68 5.90 -18.82
N SER B 219 20.05 7.17 -18.99
CA SER B 219 20.90 7.64 -20.08
C SER B 219 20.54 7.02 -21.43
N PRO C 13 -22.07 -28.26 -13.19
CA PRO C 13 -21.31 -28.83 -12.07
C PRO C 13 -19.98 -28.10 -11.87
N SER C 14 -19.50 -28.04 -10.63
CA SER C 14 -18.19 -27.43 -10.32
C SER C 14 -16.97 -28.21 -10.84
N VAL C 15 -15.97 -27.49 -11.35
CA VAL C 15 -14.79 -28.10 -11.94
C VAL C 15 -13.51 -27.41 -11.49
N PHE C 16 -12.41 -28.15 -11.55
CA PHE C 16 -11.11 -27.55 -11.28
C PHE C 16 -10.05 -28.01 -12.27
N LEU C 17 -9.10 -27.12 -12.55
CA LEU C 17 -7.97 -27.45 -13.44
C LEU C 17 -6.65 -27.26 -12.71
N PHE C 18 -5.77 -28.25 -12.79
CA PHE C 18 -4.53 -28.21 -12.04
C PHE C 18 -3.32 -28.27 -12.93
N PRO C 19 -2.30 -27.46 -12.62
CA PRO C 19 -1.06 -27.42 -13.38
C PRO C 19 -0.14 -28.55 -12.98
N PRO C 20 0.77 -28.97 -13.88
CA PRO C 20 1.82 -29.99 -13.70
C PRO C 20 2.92 -29.51 -12.74
N LYS C 21 3.73 -30.41 -12.21
CA LYS C 21 4.82 -30.00 -11.32
C LYS C 21 5.98 -29.33 -12.06
N PRO C 22 6.61 -28.32 -11.44
CA PRO C 22 7.78 -27.67 -12.05
C PRO C 22 8.93 -28.61 -12.41
N LYS C 23 9.25 -29.61 -11.59
CA LYS C 23 10.31 -30.58 -11.92
C LYS C 23 9.89 -31.44 -13.11
N ASP C 24 8.60 -31.68 -13.27
CA ASP C 24 8.15 -32.44 -14.41
C ASP C 24 8.25 -31.58 -15.69
N THR C 25 8.09 -30.28 -15.56
CA THR C 25 8.14 -29.39 -16.73
C THR C 25 9.60 -29.13 -17.13
N LEU C 26 10.49 -29.15 -16.14
CA LEU C 26 11.92 -28.87 -16.33
C LEU C 26 12.78 -30.11 -16.59
N MET C 27 12.17 -31.29 -16.56
CA MET C 27 12.89 -32.51 -16.88
C MET C 27 12.19 -33.19 -18.06
N SER C 29 12.76 -36.18 -18.97
CA SER C 29 12.65 -37.57 -18.58
C SER C 29 11.44 -37.79 -17.69
N ARG C 30 10.82 -36.69 -17.24
CA ARG C 30 9.58 -36.78 -16.46
C ARG C 30 8.42 -36.34 -17.34
N THR C 31 7.21 -36.62 -16.87
CA THR C 31 5.98 -36.38 -17.64
C THR C 31 5.01 -35.39 -17.00
N PRO C 32 4.87 -34.21 -17.60
CA PRO C 32 3.95 -33.16 -17.16
C PRO C 32 2.52 -33.45 -17.53
N GLU C 33 1.63 -33.21 -16.58
CA GLU C 33 0.22 -33.52 -16.73
C GLU C 33 -0.64 -32.40 -16.19
N VAL C 34 -1.57 -31.95 -17.01
CA VAL C 34 -2.64 -31.03 -16.60
C VAL C 34 -3.93 -31.79 -16.24
N THR C 35 -4.49 -31.53 -15.07
CA THR C 35 -5.63 -32.31 -14.63
C THR C 35 -6.89 -31.50 -14.36
N CYS C 36 -7.98 -31.91 -14.97
CA CYS C 36 -9.29 -31.28 -14.78
C CYS C 36 -10.14 -32.14 -13.84
N VAL C 37 -10.56 -31.59 -12.70
CA VAL C 37 -11.34 -32.38 -11.75
C VAL C 37 -12.76 -31.85 -11.54
N VAL C 38 -13.75 -32.70 -11.81
CA VAL C 38 -15.16 -32.33 -11.66
C VAL C 38 -15.75 -32.96 -10.38
N VAL C 39 -16.49 -32.18 -9.60
CA VAL C 39 -16.95 -32.68 -8.30
C VAL C 39 -18.47 -32.62 -8.02
N ASP C 40 -19.30 -32.46 -9.05
CA ASP C 40 -20.76 -32.49 -8.86
C ASP C 40 -21.42 -33.38 -9.91
N VAL C 41 -20.90 -34.60 -10.08
CA VAL C 41 -21.44 -35.55 -11.07
C VAL C 41 -22.20 -36.76 -10.51
N SER C 42 -22.78 -37.50 -11.45
CA SER C 42 -23.47 -38.78 -11.24
C SER C 42 -24.73 -38.79 -10.37
N HIS C 43 -25.30 -37.63 -10.07
CA HIS C 43 -26.57 -37.64 -9.38
C HIS C 43 -27.65 -37.01 -10.27
N GLU C 44 -28.40 -37.82 -11.02
CA GLU C 44 -28.04 -39.21 -11.31
C GLU C 44 -27.85 -39.36 -12.81
N ASP C 45 -26.88 -38.61 -13.34
CA ASP C 45 -26.52 -38.63 -14.75
C ASP C 45 -25.01 -38.85 -14.88
N PRO C 46 -24.60 -40.12 -14.85
CA PRO C 46 -23.19 -40.52 -14.79
C PRO C 46 -22.39 -40.36 -16.09
N GLU C 47 -22.66 -39.32 -16.89
CA GLU C 47 -21.94 -39.15 -18.15
C GLU C 47 -21.54 -37.69 -18.41
N VAL C 48 -20.26 -37.49 -18.70
CA VAL C 48 -19.65 -36.19 -18.99
C VAL C 48 -18.78 -36.19 -20.24
N LYS C 49 -18.80 -35.08 -20.97
CA LYS C 49 -17.93 -34.93 -22.15
C LYS C 49 -16.85 -33.83 -21.97
N PHE C 50 -15.60 -34.20 -22.20
CA PHE C 50 -14.52 -33.23 -22.03
C PHE C 50 -14.06 -32.73 -23.38
N ASN C 51 -13.88 -31.42 -23.48
CA ASN C 51 -13.34 -30.84 -24.69
C ASN C 51 -12.15 -29.97 -24.35
N TRP C 52 -10.97 -30.47 -24.68
CA TRP C 52 -9.71 -29.79 -24.39
C TRP C 52 -9.26 -28.91 -25.57
N TYR C 53 -8.73 -27.74 -25.25
CA TYR C 53 -8.25 -26.79 -26.27
C TYR C 53 -6.86 -26.29 -25.90
N VAL C 54 -5.92 -26.32 -26.85
CA VAL C 54 -4.59 -25.78 -26.58
C VAL C 54 -4.33 -24.46 -27.32
N ASP C 55 -4.35 -23.38 -26.55
CA ASP C 55 -4.23 -22.01 -27.04
C ASP C 55 -5.31 -21.68 -28.08
N GLY C 56 -6.49 -22.30 -27.94
CA GLY C 56 -7.59 -22.06 -28.87
C GLY C 56 -7.79 -23.11 -29.96
N VAL C 57 -6.91 -24.10 -29.99
CA VAL C 57 -6.95 -25.20 -30.96
C VAL C 57 -7.54 -26.48 -30.34
N GLU C 58 -8.45 -27.14 -31.04
CA GLU C 58 -9.15 -28.30 -30.49
C GLU C 58 -8.24 -29.52 -30.29
N VAL C 59 -8.39 -30.21 -29.18
CA VAL C 59 -7.81 -31.53 -28.99
C VAL C 59 -8.90 -32.31 -28.26
N HIS C 60 -8.78 -33.64 -28.20
CA HIS C 60 -9.87 -34.43 -27.60
C HIS C 60 -9.84 -34.52 -26.05
N ASN C 61 -8.74 -34.94 -25.45
CA ASN C 61 -7.66 -35.59 -26.14
C ASN C 61 -6.98 -36.49 -25.14
N ALA C 62 -6.17 -37.41 -25.64
CA ALA C 62 -5.50 -38.31 -24.75
C ALA C 62 -6.56 -39.07 -23.97
N LYS C 63 -6.42 -39.16 -22.65
CA LYS C 63 -7.20 -40.11 -21.87
C LYS C 63 -8.14 -39.53 -20.84
N THR C 64 -9.37 -40.05 -20.84
CA THR C 64 -10.35 -39.79 -19.78
C THR C 64 -10.40 -40.97 -18.81
N LYS C 65 -10.23 -40.69 -17.53
CA LYS C 65 -10.30 -41.73 -16.50
C LYS C 65 -11.74 -42.14 -16.25
N PRO C 66 -11.96 -43.43 -15.94
CA PRO C 66 -13.32 -43.90 -15.71
C PRO C 66 -13.82 -43.44 -14.35
N ARG C 67 -15.12 -43.25 -14.22
CA ARG C 67 -15.66 -42.53 -13.08
C ARG C 67 -15.72 -43.45 -11.87
N GLU C 68 -15.30 -42.91 -10.74
CA GLU C 68 -15.14 -43.68 -9.52
C GLU C 68 -16.35 -43.53 -8.61
N GLU C 69 -17.08 -42.43 -8.75
CA GLU C 69 -18.22 -42.23 -7.88
C GLU C 69 -17.79 -42.22 -6.42
N GLN C 70 -17.03 -41.20 -6.06
CA GLN C 70 -16.40 -41.08 -4.75
C GLN C 70 -17.49 -41.02 -3.69
N TYR C 71 -17.08 -41.35 -2.46
CA TYR C 71 -17.97 -41.44 -1.30
C TYR C 71 -19.18 -40.51 -1.34
N ASN C 72 -19.77 -40.28 -0.16
CA ASN C 72 -20.99 -39.49 -0.06
C ASN C 72 -21.96 -39.92 -1.14
N SER C 73 -22.17 -39.04 -2.13
CA SER C 73 -22.89 -39.41 -3.33
C SER C 73 -22.32 -38.80 -4.60
N THR C 74 -21.04 -38.50 -4.64
CA THR C 74 -20.63 -37.58 -5.71
C THR C 74 -19.59 -38.27 -6.60
N TYR C 75 -19.37 -37.72 -7.79
CA TYR C 75 -18.37 -38.29 -8.70
C TYR C 75 -17.16 -37.39 -8.82
N ARG C 76 -16.24 -38.32 -9.06
CA ARG C 76 -15.11 -37.49 -9.40
C ARG C 76 -14.49 -37.97 -10.71
N VAL C 77 -14.99 -37.50 -11.84
CA VAL C 77 -14.37 -37.87 -13.10
C VAL C 77 -13.20 -36.91 -13.25
N VAL C 78 -12.00 -37.43 -13.51
CA VAL C 78 -10.82 -36.58 -13.67
C VAL C 78 -10.25 -36.84 -15.07
N SER C 79 -10.13 -35.77 -15.83
CA SER C 79 -9.61 -35.92 -17.16
C SER C 79 -8.17 -35.43 -17.07
N VAL C 80 -7.25 -36.31 -17.48
CA VAL C 80 -5.83 -36.02 -17.38
C VAL C 80 -5.34 -35.86 -18.78
N LEU C 81 -4.63 -34.76 -19.01
CA LEU C 81 -4.05 -34.42 -20.30
C LEU C 81 -2.53 -34.33 -20.24
N THR C 82 -1.85 -35.19 -21.00
CA THR C 82 -0.40 -35.10 -21.08
C THR C 82 0.02 -33.91 -21.93
N VAL C 83 0.96 -33.13 -21.42
CA VAL C 83 1.35 -31.89 -22.07
C VAL C 83 2.81 -31.94 -22.44
N LEU C 84 3.12 -31.42 -23.62
CA LEU C 84 4.48 -31.26 -24.06
C LEU C 84 5.16 -30.17 -23.21
N HIS C 85 6.42 -30.42 -22.83
CA HIS C 85 7.19 -29.51 -22.00
C HIS C 85 7.30 -28.14 -22.62
N GLN C 86 7.56 -28.12 -23.92
CA GLN C 86 7.74 -26.86 -24.61
C GLN C 86 6.43 -26.09 -24.68
N ASP C 87 5.31 -26.79 -24.85
CA ASP C 87 4.03 -26.10 -24.92
C ASP C 87 3.76 -25.36 -23.62
N TRP C 88 3.95 -26.05 -22.50
CA TRP C 88 3.69 -25.46 -21.18
C TRP C 88 4.69 -24.35 -20.79
N LEU C 89 5.97 -24.54 -21.11
CA LEU C 89 7.03 -23.59 -20.74
C LEU C 89 6.98 -22.28 -21.51
N ASN C 90 6.46 -22.34 -22.73
CA ASN C 90 6.35 -21.15 -23.58
C ASN C 90 5.09 -20.36 -23.27
N GLY C 91 4.25 -20.96 -22.43
CA GLY C 91 3.07 -20.29 -21.89
C GLY C 91 1.79 -20.51 -22.67
N LYS C 92 1.68 -21.64 -23.37
CA LYS C 92 0.48 -21.93 -24.13
C LYS C 92 -0.66 -22.20 -23.18
N GLU C 93 -1.85 -21.73 -23.51
CA GLU C 93 -3.00 -21.84 -22.61
C GLU C 93 -3.76 -23.15 -22.76
N TYR C 94 -4.20 -23.68 -21.64
CA TYR C 94 -4.93 -24.95 -21.62
C TYR C 94 -6.31 -24.74 -21.01
N LYS C 95 -7.33 -24.87 -21.86
CA LYS C 95 -8.71 -24.67 -21.46
C LYS C 95 -9.46 -26.00 -21.37
N CYS C 96 -10.15 -26.19 -20.25
CA CYS C 96 -10.89 -27.41 -19.99
C CYS C 96 -12.40 -27.19 -20.05
N LYS C 97 -12.98 -27.44 -21.21
CA LYS C 97 -14.41 -27.21 -21.40
C LYS C 97 -15.18 -28.46 -21.02
N VAL C 98 -15.90 -28.39 -19.90
CA VAL C 98 -16.67 -29.53 -19.42
C VAL C 98 -18.12 -29.39 -19.86
N SER C 99 -18.62 -30.41 -20.54
CA SER C 99 -19.98 -30.38 -21.05
C SER C 99 -20.88 -31.42 -20.41
N ASN C 100 -22.16 -31.11 -20.39
CA ASN C 100 -23.17 -31.99 -19.82
C ASN C 100 -24.56 -31.40 -19.95
N GLU C 108 -16.26 -23.94 -18.61
CA GLU C 108 -14.87 -23.90 -19.03
C GLU C 108 -13.94 -23.38 -17.93
N LYS C 109 -12.80 -24.04 -17.78
CA LYS C 109 -11.75 -23.64 -16.84
C LYS C 109 -10.42 -23.55 -17.58
N THR C 110 -9.69 -22.46 -17.41
CA THR C 110 -8.42 -22.30 -18.10
C THR C 110 -7.25 -22.09 -17.14
N ILE C 111 -6.09 -22.66 -17.46
CA ILE C 111 -4.91 -22.49 -16.63
C ILE C 111 -3.66 -22.49 -17.51
N SER C 112 -2.57 -21.88 -17.05
CA SER C 112 -1.33 -21.80 -17.85
C SER C 112 -0.11 -21.45 -17.02
N LYS C 113 1.04 -21.28 -17.67
CA LYS C 113 2.24 -20.86 -16.96
C LYS C 113 2.09 -19.44 -16.48
N ALA C 114 2.77 -19.13 -15.38
CA ALA C 114 2.81 -17.77 -14.85
C ALA C 114 3.37 -16.86 -15.94
N LYS C 115 2.64 -15.80 -16.23
CA LYS C 115 3.04 -14.83 -17.25
C LYS C 115 4.00 -13.75 -16.72
N GLY C 116 4.81 -13.18 -17.62
CA GLY C 116 5.72 -12.08 -17.28
C GLY C 116 7.13 -12.30 -17.82
N GLN C 117 8.05 -11.39 -17.58
CA GLN C 117 9.38 -11.56 -18.14
C GLN C 117 10.22 -12.54 -17.34
N PRO C 118 10.64 -13.63 -17.98
CA PRO C 118 11.42 -14.70 -17.35
C PRO C 118 12.84 -14.22 -17.02
N ARG C 119 13.24 -14.30 -15.75
CA ARG C 119 14.56 -13.85 -15.30
C ARG C 119 15.34 -15.02 -14.71
N GLU C 120 16.62 -15.13 -15.02
CA GLU C 120 17.38 -16.26 -14.47
C GLU C 120 17.73 -16.09 -12.99
N PRO C 121 17.52 -17.17 -12.20
CA PRO C 121 17.85 -17.12 -10.78
C PRO C 121 19.36 -17.06 -10.61
N GLN C 122 19.82 -16.29 -9.62
CA GLN C 122 21.23 -16.26 -9.29
C GLN C 122 21.46 -17.09 -8.03
N VAL C 123 22.29 -18.11 -8.15
CA VAL C 123 22.51 -19.04 -7.04
C VAL C 123 23.81 -18.85 -6.26
N TYR C 124 23.73 -18.67 -4.94
CA TYR C 124 24.92 -18.47 -4.10
C TYR C 124 24.91 -19.41 -2.89
N THR C 125 25.96 -20.18 -2.70
CA THR C 125 26.06 -20.99 -1.52
C THR C 125 26.84 -20.26 -0.42
N LEU C 126 26.40 -20.45 0.82
CA LEU C 126 26.92 -19.78 2.01
C LEU C 126 27.33 -20.80 3.08
N PRO C 127 28.60 -20.76 3.53
CA PRO C 127 29.09 -21.68 4.58
C PRO C 127 28.40 -21.48 5.94
N PRO C 128 28.62 -22.43 6.88
CA PRO C 128 28.15 -22.30 8.26
C PRO C 128 28.61 -21.00 8.87
N SER C 129 27.86 -20.38 9.76
CA SER C 129 28.37 -19.21 10.47
C SER C 129 29.40 -19.65 11.49
N ARG C 130 30.34 -18.77 11.77
CA ARG C 130 31.42 -19.10 12.69
C ARG C 130 30.86 -19.38 14.06
N ASP C 131 29.74 -18.76 14.38
CA ASP C 131 29.07 -19.00 15.65
C ASP C 131 28.59 -20.44 15.73
N GLU C 132 28.17 -20.97 14.60
CA GLU C 132 27.47 -22.25 14.52
C GLU C 132 28.43 -23.44 14.62
N LEU C 133 29.73 -23.16 14.62
CA LEU C 133 30.75 -24.21 14.70
C LEU C 133 30.73 -24.94 16.03
N THR C 134 30.17 -24.31 17.06
CA THR C 134 30.16 -24.92 18.39
C THR C 134 29.18 -26.09 18.47
N LYS C 135 28.12 -26.05 17.65
CA LYS C 135 27.11 -27.09 17.68
C LYS C 135 27.52 -28.29 16.81
N ASN C 136 26.97 -29.48 17.08
CA ASN C 136 27.31 -30.71 16.34
C ASN C 136 26.79 -30.77 14.93
N GLN C 137 25.66 -30.13 14.69
CA GLN C 137 25.13 -30.08 13.35
C GLN C 137 25.22 -28.63 12.86
N VAL C 138 25.77 -28.44 11.66
CA VAL C 138 25.83 -27.09 11.09
C VAL C 138 24.90 -26.93 9.86
N SER C 139 24.72 -25.67 9.49
CA SER C 139 23.83 -25.34 8.39
C SER C 139 24.56 -24.85 7.13
N LEU C 140 24.26 -25.53 6.03
CA LEU C 140 24.73 -25.09 4.74
C LEU C 140 23.61 -24.32 4.07
N THR C 141 23.91 -23.08 3.68
CA THR C 141 22.90 -22.18 3.11
C THR C 141 23.10 -21.98 1.63
N CYS C 142 22.02 -22.14 0.88
CA CYS C 142 21.95 -21.88 -0.55
C CYS C 142 20.94 -20.76 -0.79
N LEU C 143 21.41 -19.64 -1.34
CA LEU C 143 20.54 -18.51 -1.68
C LEU C 143 20.24 -18.50 -3.16
N VAL C 144 18.96 -18.53 -3.53
CA VAL C 144 18.60 -18.46 -4.94
C VAL C 144 17.77 -17.21 -5.19
N LYS C 145 18.28 -16.28 -5.99
CA LYS C 145 17.55 -15.00 -6.10
C LYS C 145 17.35 -14.41 -7.47
N GLY C 146 16.35 -13.56 -7.56
CA GLY C 146 16.08 -12.84 -8.79
C GLY C 146 15.52 -13.70 -9.89
N PHE C 147 14.60 -14.60 -9.56
CA PHE C 147 14.04 -15.44 -10.62
C PHE C 147 12.57 -15.15 -10.89
N TYR C 148 12.17 -15.42 -12.13
CA TYR C 148 10.78 -15.31 -12.55
C TYR C 148 10.56 -16.36 -13.64
N PRO C 149 9.46 -17.13 -13.54
CA PRO C 149 8.41 -17.08 -12.52
C PRO C 149 8.85 -17.70 -11.20
N SER C 150 7.91 -17.88 -10.28
CA SER C 150 8.24 -18.44 -8.97
C SER C 150 8.45 -19.93 -9.08
N ASP C 151 8.06 -20.50 -10.21
CA ASP C 151 8.22 -21.92 -10.46
C ASP C 151 9.71 -22.36 -10.55
N ILE C 152 10.21 -22.95 -9.46
CA ILE C 152 11.63 -23.39 -9.35
C ILE C 152 11.77 -24.66 -8.52
N ALA C 153 12.90 -25.34 -8.68
CA ALA C 153 13.18 -26.54 -7.89
C ALA C 153 14.61 -26.53 -7.38
N VAL C 154 14.78 -26.74 -6.08
CA VAL C 154 16.09 -26.70 -5.45
C VAL C 154 16.35 -28.02 -4.77
N GLU C 155 17.52 -28.61 -5.00
CA GLU C 155 17.88 -29.87 -4.34
C GLU C 155 19.35 -29.87 -3.93
N TRP C 156 19.71 -30.75 -2.97
CA TRP C 156 21.07 -30.85 -2.50
C TRP C 156 21.71 -32.16 -2.82
N GLU C 157 23.00 -32.14 -3.14
CA GLU C 157 23.80 -33.34 -3.29
C GLU C 157 25.08 -33.23 -2.49
N SER C 158 25.57 -34.38 -2.04
CA SER C 158 26.86 -34.52 -1.37
C SER C 158 27.65 -35.51 -2.19
N ASN C 159 28.91 -35.25 -2.45
CA ASN C 159 29.67 -36.12 -3.35
C ASN C 159 28.93 -36.13 -4.66
N GLY C 160 28.64 -37.29 -5.24
CA GLY C 160 27.84 -37.16 -6.44
C GLY C 160 26.50 -37.79 -6.12
N GLN C 161 26.26 -38.02 -4.84
CA GLN C 161 25.03 -38.68 -4.42
C GLN C 161 24.10 -37.69 -3.73
N PRO C 162 22.77 -37.89 -3.88
CA PRO C 162 21.78 -36.93 -3.39
C PRO C 162 21.71 -36.84 -1.88
N GLU C 163 21.46 -35.62 -1.39
CA GLU C 163 21.33 -35.38 0.03
C GLU C 163 19.86 -35.36 0.46
N ASN C 164 19.69 -35.44 1.77
CA ASN C 164 18.45 -35.85 2.38
C ASN C 164 17.90 -34.81 3.36
N ASN C 165 18.68 -34.53 4.40
CA ASN C 165 18.30 -33.67 5.51
C ASN C 165 18.31 -32.17 5.16
N TYR C 166 17.46 -31.74 4.23
CA TYR C 166 17.38 -30.31 3.91
C TYR C 166 15.95 -29.84 3.74
N LYS C 167 15.72 -28.56 4.02
CA LYS C 167 14.40 -27.96 3.82
C LYS C 167 14.58 -26.64 3.10
N THR C 168 13.61 -26.29 2.27
CA THR C 168 13.59 -25.03 1.52
C THR C 168 12.39 -24.14 1.93
N THR C 169 12.66 -22.84 2.06
CA THR C 169 11.65 -21.80 2.33
C THR C 169 10.73 -21.62 1.12
N PRO C 170 9.48 -21.23 1.32
CA PRO C 170 8.69 -20.86 0.15
C PRO C 170 9.23 -19.65 -0.62
N PRO C 171 9.01 -19.59 -1.93
CA PRO C 171 9.43 -18.39 -2.66
C PRO C 171 8.83 -17.13 -2.07
N VAL C 172 9.64 -16.07 -2.09
CA VAL C 172 9.27 -14.74 -1.59
C VAL C 172 9.34 -13.70 -2.66
N LEU C 173 8.29 -12.90 -2.78
CA LEU C 173 8.28 -11.80 -3.72
C LEU C 173 9.28 -10.77 -3.24
N ASP C 174 10.31 -10.52 -4.05
CA ASP C 174 11.31 -9.50 -3.74
C ASP C 174 10.77 -8.13 -4.18
N SER C 175 11.47 -7.08 -3.79
CA SER C 175 10.96 -5.72 -4.02
C SER C 175 10.99 -5.27 -5.49
N ASP C 176 11.92 -5.82 -6.27
CA ASP C 176 12.13 -5.47 -7.68
C ASP C 176 11.28 -6.34 -8.63
N GLY C 177 10.23 -6.95 -8.09
CA GLY C 177 9.28 -7.73 -8.85
C GLY C 177 9.63 -9.18 -9.09
N SER C 178 10.76 -9.62 -8.56
CA SER C 178 11.21 -10.99 -8.70
C SER C 178 10.94 -11.79 -7.43
N PHE C 179 11.44 -13.03 -7.42
CA PHE C 179 11.34 -13.91 -6.28
C PHE C 179 12.72 -14.36 -5.79
N PHE C 180 12.77 -14.76 -4.53
CA PHE C 180 13.94 -15.39 -3.94
C PHE C 180 13.51 -16.43 -2.92
N LEU C 181 14.42 -17.37 -2.66
CA LEU C 181 14.24 -18.33 -1.58
C LEU C 181 15.61 -18.73 -1.09
N TYR C 182 15.59 -19.51 -0.01
CA TYR C 182 16.73 -20.09 0.65
C TYR C 182 16.50 -21.57 0.82
N SER C 183 17.56 -22.36 0.70
CA SER C 183 17.47 -23.77 1.05
C SER C 183 18.49 -24.09 2.13
N LYS C 184 18.06 -24.70 3.22
CA LYS C 184 19.00 -25.01 4.28
C LYS C 184 19.34 -26.52 4.41
N LEU C 185 20.59 -26.92 4.11
CA LEU C 185 21.04 -28.29 4.34
C LEU C 185 21.78 -28.41 5.66
N THR C 186 21.32 -29.35 6.51
CA THR C 186 21.91 -29.61 7.82
C THR C 186 22.74 -30.86 7.81
N VAL C 187 24.03 -30.70 8.09
CA VAL C 187 24.96 -31.80 8.10
C VAL C 187 25.77 -31.83 9.42
N ASP C 188 26.37 -32.99 9.71
CA ASP C 188 27.22 -33.13 10.88
C ASP C 188 28.49 -32.29 10.76
N LYS C 189 28.89 -31.68 11.86
CA LYS C 189 30.06 -30.80 11.86
C LYS C 189 31.27 -31.63 11.44
N SER C 190 31.26 -32.88 11.90
CA SER C 190 32.33 -33.81 11.59
C SER C 190 32.45 -34.07 10.08
N ARG C 191 31.30 -34.14 9.38
CA ARG C 191 31.32 -34.33 7.93
C ARG C 191 31.73 -33.02 7.24
N TRP C 192 31.36 -31.89 7.86
CA TRP C 192 31.73 -30.62 7.29
C TRP C 192 33.22 -30.35 7.55
N GLN C 193 33.69 -30.69 8.75
CA GLN C 193 35.05 -30.37 9.16
C GLN C 193 36.10 -31.16 8.38
N GLN C 194 35.65 -32.20 7.70
CA GLN C 194 36.52 -32.95 6.82
C GLN C 194 36.58 -32.20 5.47
N GLY C 195 36.96 -32.85 4.38
CA GLY C 195 37.01 -32.12 3.13
C GLY C 195 35.86 -32.34 2.19
N ASN C 196 34.75 -32.86 2.71
CA ASN C 196 33.61 -33.19 1.87
C ASN C 196 32.96 -32.00 1.15
N VAL C 197 32.50 -32.25 -0.07
CA VAL C 197 31.86 -31.25 -0.92
C VAL C 197 30.36 -31.48 -1.05
N PHE C 198 29.59 -30.50 -0.57
CA PHE C 198 28.13 -30.52 -0.66
C PHE C 198 27.72 -29.62 -1.78
N SER C 199 26.69 -30.02 -2.53
CA SER C 199 26.30 -29.22 -3.70
C SER C 199 24.84 -28.77 -3.73
N CYS C 200 24.59 -27.60 -4.30
CA CYS C 200 23.24 -27.05 -4.44
C CYS C 200 22.81 -26.95 -5.89
N SER C 201 21.98 -27.88 -6.33
CA SER C 201 21.50 -27.88 -7.71
C SER C 201 20.20 -27.11 -7.79
N VAL C 202 20.07 -26.25 -8.79
CA VAL C 202 18.85 -25.47 -8.91
C VAL C 202 18.27 -25.64 -10.31
N MET C 203 16.97 -25.94 -10.38
CA MET C 203 16.31 -26.14 -11.67
C MET C 203 15.28 -25.05 -11.88
N HIS C 204 15.39 -24.27 -12.96
CA HIS C 204 14.45 -23.17 -13.22
C HIS C 204 14.35 -23.00 -14.70
N GLU C 205 13.25 -22.45 -15.18
CA GLU C 205 13.08 -22.37 -16.61
C GLU C 205 14.07 -21.39 -17.25
N ALA C 206 14.33 -20.27 -16.59
CA ALA C 206 15.18 -19.23 -17.19
C ALA C 206 16.65 -19.64 -17.18
N LEU C 207 16.97 -20.70 -16.44
CA LEU C 207 18.32 -21.22 -16.44
C LEU C 207 18.62 -21.87 -17.77
N HIS C 208 19.85 -21.70 -18.27
CA HIS C 208 20.27 -22.40 -19.46
C HIS C 208 20.33 -23.88 -19.10
N ASN C 209 19.78 -24.71 -19.99
CA ASN C 209 19.67 -26.16 -19.79
C ASN C 209 18.80 -26.53 -18.59
N HIS C 210 18.00 -25.57 -18.14
CA HIS C 210 17.09 -25.70 -17.01
C HIS C 210 17.80 -26.19 -15.75
N TYR C 211 19.08 -25.85 -15.62
CA TYR C 211 19.88 -26.36 -14.51
C TYR C 211 21.16 -25.54 -14.25
N THR C 212 21.47 -25.33 -12.98
CA THR C 212 22.75 -24.75 -12.58
C THR C 212 23.20 -25.42 -11.30
N GLN C 213 24.47 -25.25 -10.93
CA GLN C 213 25.00 -25.94 -9.76
C GLN C 213 26.11 -25.15 -9.09
N LYS C 214 26.05 -25.07 -7.77
CA LYS C 214 27.07 -24.39 -6.99
C LYS C 214 27.56 -25.28 -5.86
N SER C 215 28.86 -25.54 -5.78
CA SER C 215 29.38 -26.43 -4.75
C SER C 215 29.91 -25.65 -3.53
N LEU C 216 29.93 -26.30 -2.37
CA LEU C 216 30.38 -25.69 -1.11
C LEU C 216 31.25 -26.68 -0.34
N SER C 217 32.53 -26.35 -0.17
CA SER C 217 33.45 -27.17 0.62
C SER C 217 34.20 -26.26 1.59
N LEU C 218 35.07 -26.86 2.40
CA LEU C 218 35.89 -26.08 3.31
C LEU C 218 37.28 -25.85 2.66
N SER C 219 37.41 -24.74 1.92
CA SER C 219 38.69 -24.31 1.33
C SER C 219 39.41 -25.42 0.56
N PRO D 13 -21.65 -17.25 4.67
CA PRO D 13 -21.81 -18.57 5.27
C PRO D 13 -21.02 -18.80 6.56
N SER D 14 -20.40 -19.96 6.70
CA SER D 14 -19.89 -20.44 7.98
C SER D 14 -18.80 -19.61 8.68
N VAL D 15 -17.80 -19.15 7.93
CA VAL D 15 -16.77 -18.20 8.42
C VAL D 15 -15.61 -18.71 9.31
N PHE D 16 -14.81 -17.79 9.81
CA PHE D 16 -13.63 -18.18 10.59
C PHE D 16 -12.68 -17.10 11.12
N LEU D 17 -11.76 -17.54 11.94
CA LEU D 17 -11.07 -16.79 12.98
C LEU D 17 -9.58 -16.67 12.67
N PHE D 18 -9.05 -15.45 12.74
CA PHE D 18 -7.66 -15.18 12.33
C PHE D 18 -6.82 -14.60 13.47
N PRO D 19 -5.56 -15.04 13.57
CA PRO D 19 -4.68 -14.63 14.67
C PRO D 19 -4.10 -13.24 14.49
N PRO D 20 -3.67 -12.62 15.59
CA PRO D 20 -2.97 -11.33 15.47
C PRO D 20 -1.62 -11.51 14.80
N LYS D 21 -1.04 -10.43 14.30
CA LYS D 21 0.28 -10.55 13.68
C LYS D 21 1.33 -10.68 14.77
N PRO D 22 2.32 -11.56 14.55
CA PRO D 22 3.44 -11.81 15.47
C PRO D 22 4.20 -10.52 15.77
N LYS D 23 4.31 -9.66 14.77
CA LYS D 23 4.98 -8.39 15.01
C LYS D 23 4.18 -7.55 16.03
N ASP D 24 2.84 -7.62 15.99
CA ASP D 24 2.03 -6.85 16.94
C ASP D 24 2.07 -7.43 18.32
N THR D 25 2.17 -8.76 18.39
CA THR D 25 2.15 -9.45 19.67
C THR D 25 3.44 -9.20 20.41
N LEU D 26 4.54 -9.18 19.66
CA LEU D 26 5.89 -9.11 20.24
C LEU D 26 6.34 -7.68 20.51
N MET D 27 5.56 -6.70 20.10
CA MET D 27 5.91 -5.30 20.33
C MET D 27 4.90 -4.63 21.25
N ILE D 28 5.37 -4.04 22.34
CA ILE D 28 4.48 -3.41 23.31
C ILE D 28 3.77 -2.17 22.78
N SER D 29 4.36 -1.54 21.79
CA SER D 29 3.81 -0.33 21.21
C SER D 29 2.71 -0.66 20.22
N ARG D 30 2.51 -1.94 19.87
CA ARG D 30 1.42 -2.27 18.96
C ARG D 30 0.18 -2.96 19.55
N THR D 31 -0.86 -3.09 18.75
CA THR D 31 -2.11 -3.66 19.23
C THR D 31 -2.47 -4.99 18.54
N PRO D 32 -2.24 -6.11 19.23
CA PRO D 32 -2.65 -7.38 18.64
C PRO D 32 -4.16 -7.61 18.76
N GLU D 33 -4.75 -8.06 17.66
CA GLU D 33 -6.19 -8.21 17.55
C GLU D 33 -6.48 -9.56 16.92
N VAL D 34 -7.37 -10.32 17.54
CA VAL D 34 -7.88 -11.53 16.91
C VAL D 34 -9.10 -11.03 16.14
N THR D 35 -9.27 -11.52 14.92
CA THR D 35 -10.35 -11.01 14.09
C THR D 35 -11.30 -12.12 13.66
N CYS D 36 -12.58 -11.91 13.94
CA CYS D 36 -13.59 -12.86 13.50
C CYS D 36 -14.38 -12.28 12.32
N VAL D 37 -14.41 -13.02 11.21
CA VAL D 37 -15.13 -12.55 10.03
C VAL D 37 -16.30 -13.47 9.72
N VAL D 38 -17.50 -12.90 9.65
CA VAL D 38 -18.68 -13.70 9.35
C VAL D 38 -19.15 -13.52 7.91
N PRO D 46 -30.01 -10.18 8.52
CA PRO D 46 -29.60 -8.78 8.59
C PRO D 46 -29.19 -8.35 10.01
N GLU D 47 -28.96 -9.31 10.88
CA GLU D 47 -28.60 -9.02 12.26
C GLU D 47 -27.63 -10.06 12.76
N VAL D 48 -26.52 -9.61 13.32
CA VAL D 48 -25.56 -10.56 13.84
C VAL D 48 -25.17 -10.18 15.26
N LYS D 49 -25.07 -11.19 16.13
CA LYS D 49 -24.61 -11.00 17.49
C LYS D 49 -23.31 -11.81 17.70
N PHE D 50 -22.29 -11.14 18.23
CA PHE D 50 -21.03 -11.79 18.53
C PHE D 50 -20.90 -12.04 20.02
N ASN D 51 -20.46 -13.24 20.39
CA ASN D 51 -20.24 -13.57 21.79
C ASN D 51 -18.82 -14.09 22.01
N TRP D 52 -17.96 -13.25 22.59
CA TRP D 52 -16.55 -13.60 22.79
C TRP D 52 -16.23 -14.16 24.18
N TYR D 53 -15.41 -15.19 24.22
CA TYR D 53 -15.05 -15.84 25.47
C TYR D 53 -13.54 -16.02 25.58
N VAL D 54 -12.98 -15.65 26.72
CA VAL D 54 -11.57 -15.85 26.98
C VAL D 54 -11.48 -17.01 27.96
N ASP D 55 -11.00 -18.17 27.52
CA ASP D 55 -10.94 -19.32 28.42
C ASP D 55 -12.29 -19.65 29.05
N GLY D 56 -13.38 -19.38 28.33
CA GLY D 56 -14.68 -19.73 28.84
C GLY D 56 -15.38 -18.60 29.56
N VAL D 57 -14.71 -17.46 29.73
CA VAL D 57 -15.34 -16.34 30.44
C VAL D 57 -15.78 -15.32 29.40
N GLU D 58 -17.00 -14.81 29.44
CA GLU D 58 -17.42 -13.87 28.39
C GLU D 58 -16.82 -12.47 28.65
N VAL D 59 -16.46 -11.74 27.58
CA VAL D 59 -16.05 -10.32 27.70
C VAL D 59 -16.74 -9.44 26.63
N HIS D 60 -16.82 -8.14 26.89
CA HIS D 60 -17.58 -7.24 26.05
C HIS D 60 -16.77 -6.14 25.35
N ASN D 61 -15.50 -6.10 25.61
CA ASN D 61 -14.61 -5.17 24.95
C ASN D 61 -14.62 -5.13 23.44
N ALA D 62 -15.11 -6.17 22.80
CA ALA D 62 -15.06 -6.26 21.36
C ALA D 62 -15.60 -5.05 20.70
N LYS D 63 -15.39 -4.95 19.40
CA LYS D 63 -15.99 -3.88 18.62
C LYS D 63 -16.29 -4.45 17.26
N THR D 64 -17.57 -4.48 16.91
CA THR D 64 -17.90 -4.98 15.59
C THR D 64 -17.84 -3.80 14.63
N LYS D 65 -16.98 -3.92 13.63
CA LYS D 65 -16.88 -2.87 12.64
C LYS D 65 -18.02 -3.03 11.64
N PRO D 66 -18.76 -1.94 11.40
CA PRO D 66 -19.81 -2.03 10.39
C PRO D 66 -19.36 -1.39 9.08
N ARG D 67 -19.79 -1.88 7.92
CA ARG D 67 -20.51 -3.14 7.73
C ARG D 67 -20.38 -3.63 6.29
N GLU D 68 -20.79 -2.82 5.34
CA GLU D 68 -21.03 -3.39 4.04
C GLU D 68 -19.75 -3.99 3.52
N GLU D 69 -19.86 -5.24 3.09
CA GLU D 69 -18.95 -5.83 2.11
C GLU D 69 -19.62 -6.95 1.32
N GLN D 70 -20.52 -6.61 0.41
CA GLN D 70 -21.18 -7.63 -0.41
C GLN D 70 -21.38 -7.29 -1.89
N TYR D 71 -21.04 -8.24 -2.77
CA TYR D 71 -21.51 -8.24 -4.15
C TYR D 71 -22.42 -9.47 -4.27
N ASN D 72 -22.08 -10.60 -3.43
CA ASN D 72 -22.79 -11.78 -3.00
C ASN D 72 -24.08 -11.27 -2.39
N ARG D 76 -20.51 -9.21 4.87
CA ARG D 76 -19.27 -9.57 5.55
C ARG D 76 -19.14 -8.85 6.89
N VAL D 77 -19.58 -9.49 7.97
CA VAL D 77 -19.46 -8.90 9.29
C VAL D 77 -18.09 -9.16 9.89
N VAL D 78 -17.45 -8.09 10.38
CA VAL D 78 -16.13 -8.23 10.97
C VAL D 78 -16.15 -7.74 12.42
N SER D 79 -15.89 -8.65 13.35
CA SER D 79 -15.73 -8.32 14.77
C SER D 79 -14.28 -8.47 15.20
N VAL D 80 -13.71 -7.38 15.72
CA VAL D 80 -12.30 -7.32 16.07
C VAL D 80 -12.09 -7.22 17.59
N LEU D 81 -11.33 -8.18 18.14
CA LEU D 81 -11.12 -8.18 19.59
C LEU D 81 -9.65 -8.00 19.96
N THR D 82 -9.38 -6.90 20.65
CA THR D 82 -8.05 -6.60 21.11
C THR D 82 -7.65 -7.63 22.14
N VAL D 83 -6.41 -8.09 22.06
CA VAL D 83 -5.87 -9.13 22.91
C VAL D 83 -4.74 -8.55 23.72
N LEU D 84 -4.71 -8.91 25.00
CA LEU D 84 -3.63 -8.49 25.89
C LEU D 84 -2.34 -9.22 25.46
N HIS D 85 -1.21 -8.52 25.45
CA HIS D 85 0.02 -9.15 25.00
C HIS D 85 0.43 -10.37 25.82
N GLN D 86 0.29 -10.28 27.14
CA GLN D 86 0.73 -11.38 27.99
C GLN D 86 -0.22 -12.56 27.81
N ASP D 87 -1.51 -12.29 27.62
CA ASP D 87 -2.53 -13.36 27.46
C ASP D 87 -2.29 -14.24 26.25
N TRP D 88 -1.97 -13.62 25.12
CA TRP D 88 -1.76 -14.40 23.92
C TRP D 88 -0.54 -15.29 24.07
N LEU D 89 0.49 -14.75 24.72
CA LEU D 89 1.76 -15.46 24.87
C LEU D 89 1.70 -16.65 25.83
N ASN D 90 0.81 -16.53 26.81
CA ASN D 90 0.57 -17.55 27.84
C ASN D 90 -0.39 -18.65 27.41
N GLY D 91 -0.99 -18.45 26.24
CA GLY D 91 -1.80 -19.48 25.61
C GLY D 91 -3.28 -19.50 25.93
N LYS D 92 -3.84 -18.35 26.32
CA LYS D 92 -5.28 -18.28 26.62
C LYS D 92 -6.07 -18.45 25.35
N GLU D 93 -7.14 -19.25 25.44
CA GLU D 93 -7.93 -19.59 24.27
C GLU D 93 -9.00 -18.51 24.06
N TYR D 94 -9.25 -18.19 22.80
CA TYR D 94 -10.19 -17.14 22.38
C TYR D 94 -11.28 -17.76 21.52
N LYS D 95 -12.52 -17.80 22.03
CA LYS D 95 -13.64 -18.41 21.30
C LYS D 95 -14.59 -17.35 20.73
N CYS D 96 -14.89 -17.50 19.44
CA CYS D 96 -15.75 -16.59 18.68
C CYS D 96 -17.08 -17.24 18.30
N LYS D 97 -18.12 -17.03 19.10
CA LYS D 97 -19.44 -17.64 18.86
C LYS D 97 -20.36 -16.75 18.03
N VAL D 98 -20.57 -17.14 16.77
CA VAL D 98 -21.37 -16.34 15.85
C VAL D 98 -22.81 -16.82 15.79
N SER D 99 -23.73 -15.90 16.06
CA SER D 99 -25.17 -16.21 16.01
C SER D 99 -25.86 -15.51 14.84
N LYS D 101 -29.45 -15.61 11.63
CA LYS D 101 -30.82 -16.13 11.66
C LYS D 101 -30.99 -17.40 10.82
N ALA D 102 -29.98 -17.73 10.02
CA ALA D 102 -29.97 -18.92 9.18
C ALA D 102 -29.11 -20.03 9.79
N LEU D 103 -29.16 -20.11 11.11
CA LEU D 103 -28.28 -20.97 11.87
C LEU D 103 -29.07 -21.73 12.90
N PRO D 104 -29.30 -23.01 12.63
CA PRO D 104 -30.04 -23.83 13.60
C PRO D 104 -29.25 -23.95 14.89
N ALA D 105 -27.93 -24.11 14.77
CA ALA D 105 -27.06 -23.96 15.91
C ALA D 105 -25.96 -22.96 15.59
N PRO D 106 -25.57 -22.16 16.59
CA PRO D 106 -24.46 -21.21 16.56
C PRO D 106 -23.13 -21.85 16.12
N ILE D 107 -22.40 -21.16 15.25
CA ILE D 107 -21.10 -21.65 14.79
C ILE D 107 -20.00 -21.11 15.71
N GLU D 108 -19.18 -22.00 16.28
CA GLU D 108 -18.08 -21.58 17.16
C GLU D 108 -16.66 -21.87 16.61
N LYS D 109 -15.77 -20.89 16.71
CA LYS D 109 -14.36 -21.05 16.29
C LYS D 109 -13.37 -20.61 17.39
N THR D 110 -12.42 -21.47 17.74
CA THR D 110 -11.45 -21.15 18.80
C THR D 110 -10.02 -21.14 18.25
N ILE D 111 -9.22 -20.20 18.75
CA ILE D 111 -7.84 -20.07 18.31
C ILE D 111 -6.95 -19.58 19.46
N SER D 112 -5.65 -19.91 19.39
CA SER D 112 -4.67 -19.52 20.39
C SER D 112 -3.24 -19.67 19.85
N LYS D 113 -2.28 -19.44 20.74
CA LYS D 113 -0.88 -19.69 20.44
C LYS D 113 -0.75 -21.20 20.36
N ALA D 114 0.14 -21.66 19.49
CA ALA D 114 0.36 -23.09 19.31
C ALA D 114 0.78 -23.73 20.62
N LYS D 115 0.05 -24.76 21.04
CA LYS D 115 0.32 -25.43 22.31
C LYS D 115 1.49 -26.40 22.15
N GLY D 116 2.69 -25.95 22.47
CA GLY D 116 3.87 -26.79 22.39
C GLY D 116 5.07 -26.40 23.25
N GLN D 117 6.21 -27.05 23.04
CA GLN D 117 7.41 -26.76 23.81
C GLN D 117 8.01 -25.47 23.29
N PRO D 118 8.09 -24.44 24.13
CA PRO D 118 8.65 -23.15 23.71
C PRO D 118 10.17 -23.27 23.56
N ARG D 119 10.68 -23.04 22.36
CA ARG D 119 12.11 -23.16 22.12
C ARG D 119 12.70 -21.81 21.67
N GLU D 120 13.86 -21.47 22.24
CA GLU D 120 14.59 -20.23 21.98
C GLU D 120 15.27 -20.26 20.64
N PRO D 121 15.14 -19.17 19.85
CA PRO D 121 15.71 -19.07 18.50
C PRO D 121 17.24 -18.99 18.50
N GLN D 122 17.85 -19.61 17.49
CA GLN D 122 19.27 -19.50 17.24
C GLN D 122 19.52 -18.60 16.03
N VAL D 123 20.28 -17.53 16.24
CA VAL D 123 20.46 -16.52 15.21
C VAL D 123 21.85 -16.59 14.54
N TYR D 124 21.87 -16.70 13.23
CA TYR D 124 23.18 -16.72 12.59
C TYR D 124 23.23 -15.77 11.40
N THR D 125 24.17 -14.82 11.45
CA THR D 125 24.39 -13.87 10.35
C THR D 125 25.39 -14.47 9.40
N LEU D 126 25.12 -14.28 8.12
CA LEU D 126 25.97 -14.85 7.07
C LEU D 126 26.40 -13.76 6.08
N PRO D 127 27.70 -13.60 5.90
CA PRO D 127 28.26 -12.63 4.96
C PRO D 127 27.87 -13.02 3.53
N PRO D 128 27.96 -12.09 2.57
CA PRO D 128 27.62 -12.34 1.17
C PRO D 128 28.57 -13.36 0.53
N SER D 129 28.06 -14.13 -0.42
CA SER D 129 28.89 -15.07 -1.18
C SER D 129 29.92 -14.31 -2.03
N ARG D 130 31.07 -14.93 -2.32
CA ARG D 130 32.11 -14.27 -3.12
C ARG D 130 31.68 -14.05 -4.58
N ASP D 131 30.81 -14.88 -5.10
CA ASP D 131 30.36 -14.70 -6.45
C ASP D 131 29.40 -13.53 -6.62
N GLU D 132 28.87 -13.03 -5.51
CA GLU D 132 27.91 -11.92 -5.53
C GLU D 132 28.59 -10.55 -5.50
N LEU D 133 29.89 -10.55 -5.25
CA LEU D 133 30.64 -9.31 -5.20
C LEU D 133 30.78 -8.63 -6.55
N THR D 134 30.66 -9.39 -7.60
CA THR D 134 30.72 -8.94 -8.99
C THR D 134 29.57 -8.01 -9.28
N LYS D 135 28.52 -8.19 -8.48
CA LYS D 135 27.27 -7.44 -8.56
C LYS D 135 27.36 -6.11 -7.81
N ASN D 136 26.54 -5.13 -8.17
CA ASN D 136 26.57 -3.84 -7.49
C ASN D 136 25.97 -3.85 -6.11
N GLN D 137 24.94 -4.67 -5.93
CA GLN D 137 24.25 -4.87 -4.64
C GLN D 137 24.41 -6.30 -4.14
N VAL D 138 24.72 -6.41 -2.86
CA VAL D 138 24.87 -7.70 -2.18
C VAL D 138 23.79 -8.06 -1.15
N SER D 139 23.80 -9.34 -0.79
CA SER D 139 22.84 -9.90 0.13
C SER D 139 23.48 -10.26 1.47
N LEU D 140 22.94 -9.64 2.53
CA LEU D 140 23.30 -9.99 3.88
C LEU D 140 22.26 -10.94 4.36
N THR D 141 22.69 -12.09 4.83
CA THR D 141 21.73 -13.14 5.19
C THR D 141 21.59 -13.38 6.68
N CYS D 142 20.34 -13.40 7.15
CA CYS D 142 20.06 -13.67 8.55
C CYS D 142 19.28 -14.96 8.72
N LEU D 143 19.88 -15.95 9.38
CA LEU D 143 19.29 -17.25 9.64
C LEU D 143 18.80 -17.35 11.08
N VAL D 144 17.52 -17.65 11.29
CA VAL D 144 17.02 -17.85 12.65
C VAL D 144 16.44 -19.25 12.77
N LYS D 145 17.00 -20.12 13.62
CA LYS D 145 16.51 -21.52 13.61
C LYS D 145 16.16 -22.18 14.97
N GLY D 146 15.33 -23.23 14.88
CA GLY D 146 14.97 -24.04 16.03
C GLY D 146 14.15 -23.35 17.11
N PHE D 147 13.26 -22.47 16.68
CA PHE D 147 12.46 -21.69 17.59
C PHE D 147 10.99 -22.11 17.53
N TYR D 148 10.29 -22.01 18.66
CA TYR D 148 8.90 -22.42 18.76
C TYR D 148 8.21 -21.57 19.80
N PRO D 149 6.99 -21.08 19.52
CA PRO D 149 6.26 -21.34 18.28
C PRO D 149 6.78 -20.55 17.10
N SER D 150 5.98 -20.54 16.06
CA SER D 150 6.33 -19.88 14.81
C SER D 150 6.34 -18.35 14.94
N ASP D 151 5.73 -17.84 16.01
CA ASP D 151 5.64 -16.40 16.24
C ASP D 151 7.00 -15.73 16.40
N ILE D 152 7.43 -14.97 15.40
CA ILE D 152 8.72 -14.28 15.41
C ILE D 152 8.67 -12.95 14.68
N ALA D 153 9.60 -12.08 15.01
CA ALA D 153 9.75 -10.79 14.38
C ALA D 153 11.25 -10.60 14.11
N VAL D 154 11.62 -10.25 12.88
CA VAL D 154 13.03 -10.07 12.52
C VAL D 154 13.21 -8.74 11.84
N GLU D 155 14.16 -7.93 12.29
CA GLU D 155 14.38 -6.66 11.62
C GLU D 155 15.90 -6.33 11.55
N TRP D 156 16.31 -5.37 10.72
CA TRP D 156 17.76 -5.03 10.58
C TRP D 156 18.09 -3.60 11.06
N GLU D 157 19.30 -3.37 11.54
CA GLU D 157 19.74 -2.01 11.87
C GLU D 157 21.23 -1.85 11.46
N SER D 158 21.63 -0.60 11.24
CA SER D 158 22.99 -0.28 10.99
C SER D 158 23.39 0.98 11.68
N ASN D 159 24.48 0.94 12.41
CA ASN D 159 25.00 2.13 13.02
C ASN D 159 23.94 2.70 13.88
N GLY D 160 23.23 1.81 14.52
CA GLY D 160 22.21 2.21 15.42
C GLY D 160 21.05 2.88 14.78
N GLN D 161 21.01 3.07 13.48
CA GLN D 161 19.66 3.36 12.98
C GLN D 161 19.18 2.22 12.08
N PRO D 162 17.86 2.02 12.01
CA PRO D 162 17.29 0.86 11.30
C PRO D 162 17.44 0.82 9.79
N GLU D 163 17.64 -0.38 9.27
CA GLU D 163 17.63 -0.62 7.86
C GLU D 163 16.30 -1.22 7.48
N ASN D 164 15.84 -0.94 6.27
CA ASN D 164 14.51 -1.40 5.87
C ASN D 164 14.55 -2.26 4.63
N ASN D 165 15.57 -2.11 3.80
CA ASN D 165 15.67 -2.80 2.51
C ASN D 165 15.94 -4.29 2.71
N TYR D 166 14.99 -4.99 3.31
CA TYR D 166 15.12 -6.41 3.57
C TYR D 166 13.81 -7.15 3.39
N LYS D 167 13.88 -8.43 3.16
CA LYS D 167 12.72 -9.23 3.08
C LYS D 167 12.97 -10.49 3.87
N THR D 168 11.94 -10.97 4.58
CA THR D 168 12.06 -12.14 5.44
C THR D 168 11.17 -13.26 4.95
N THR D 169 11.69 -14.48 4.86
CA THR D 169 10.86 -15.62 4.50
C THR D 169 9.87 -15.95 5.62
N PRO D 170 8.74 -16.59 5.26
CA PRO D 170 7.86 -17.18 6.26
C PRO D 170 8.61 -18.25 7.07
N PRO D 171 8.16 -18.52 8.32
CA PRO D 171 8.77 -19.65 9.03
C PRO D 171 8.64 -20.93 8.22
N VAL D 172 9.56 -21.83 8.35
CA VAL D 172 9.41 -23.12 7.71
C VAL D 172 9.49 -24.18 8.77
N LEU D 173 8.56 -25.13 8.70
CA LEU D 173 8.61 -26.27 9.59
C LEU D 173 9.83 -27.16 9.35
N ASP D 174 10.68 -27.26 10.37
CA ASP D 174 11.89 -28.08 10.31
C ASP D 174 11.61 -29.55 10.68
N SER D 175 12.61 -30.42 10.50
CA SER D 175 12.47 -31.86 10.78
C SER D 175 12.44 -32.21 12.28
N ASP D 176 13.10 -31.38 13.09
CA ASP D 176 13.13 -31.60 14.55
C ASP D 176 11.93 -30.94 15.24
N GLY D 177 10.93 -30.53 14.45
CA GLY D 177 9.70 -29.96 14.95
C GLY D 177 9.67 -28.48 15.32
N SER D 178 10.78 -27.79 15.09
CA SER D 178 10.90 -26.35 15.38
C SER D 178 10.82 -25.58 14.10
N PHE D 179 11.06 -24.28 14.17
CA PHE D 179 11.00 -23.47 12.95
C PHE D 179 12.33 -22.81 12.64
N PHE D 180 12.52 -22.47 11.36
CA PHE D 180 13.66 -21.66 10.88
C PHE D 180 13.12 -20.76 9.83
N LEU D 181 13.83 -19.65 9.59
CA LEU D 181 13.50 -18.75 8.50
C LEU D 181 14.77 -18.06 8.11
N TYR D 182 14.69 -17.28 7.04
CA TYR D 182 15.79 -16.45 6.60
C TYR D 182 15.29 -15.01 6.38
N SER D 183 16.15 -14.05 6.68
CA SER D 183 15.93 -12.65 6.34
C SER D 183 17.08 -12.15 5.44
N LYS D 184 16.75 -11.53 4.30
CA LYS D 184 17.74 -10.99 3.38
C LYS D 184 17.76 -9.46 3.29
N LEU D 185 18.79 -8.85 3.85
CA LEU D 185 19.00 -7.41 3.71
C LEU D 185 19.90 -7.24 2.49
N THR D 186 19.45 -6.35 1.61
CA THR D 186 20.19 -6.02 0.42
C THR D 186 20.90 -4.69 0.62
N VAL D 187 22.21 -4.68 0.49
CA VAL D 187 22.92 -3.41 0.66
C VAL D 187 23.82 -3.19 -0.51
N ASP D 188 24.19 -1.93 -0.73
CA ASP D 188 25.18 -1.52 -1.75
C ASP D 188 26.55 -2.02 -1.41
N LYS D 189 27.27 -2.50 -2.43
CA LYS D 189 28.58 -3.15 -2.24
C LYS D 189 29.57 -2.19 -1.63
N SER D 190 29.46 -0.92 -1.98
CA SER D 190 30.29 0.08 -1.36
C SER D 190 30.09 0.12 0.17
N ARG D 191 28.87 -0.15 0.64
CA ARG D 191 28.59 -0.17 2.07
C ARG D 191 29.16 -1.44 2.71
N TRP D 192 29.12 -2.54 1.98
CA TRP D 192 29.56 -3.78 2.61
C TRP D 192 31.07 -3.86 2.79
N GLN D 193 31.80 -3.52 1.72
CA GLN D 193 33.27 -3.62 1.64
C GLN D 193 33.98 -2.50 2.40
N GLN D 194 33.22 -1.47 2.75
CA GLN D 194 33.71 -0.36 3.55
C GLN D 194 33.71 -0.74 5.05
N GLY D 195 33.35 -2.00 5.33
CA GLY D 195 33.38 -2.55 6.66
C GLY D 195 32.28 -2.12 7.60
N ASN D 196 31.20 -1.57 7.05
CA ASN D 196 30.05 -1.13 7.86
C ASN D 196 29.50 -2.27 8.68
N VAL D 197 28.90 -1.92 9.82
CA VAL D 197 28.34 -2.96 10.66
C VAL D 197 26.81 -2.93 10.55
N PHE D 198 26.25 -4.06 10.10
CA PHE D 198 24.80 -4.25 10.02
C PHE D 198 24.35 -5.27 11.10
N SER D 199 23.23 -5.01 11.76
CA SER D 199 22.82 -5.94 12.81
C SER D 199 21.48 -6.56 12.53
N CYS D 200 21.35 -7.80 12.98
CA CYS D 200 20.13 -8.55 12.79
C CYS D 200 19.45 -8.73 14.13
N SER D 201 18.38 -7.97 14.38
CA SER D 201 17.62 -8.09 15.63
C SER D 201 16.37 -8.96 15.50
N VAL D 202 16.20 -9.88 16.45
CA VAL D 202 15.08 -10.82 16.45
C VAL D 202 14.27 -10.82 17.75
N MET D 203 12.96 -10.69 17.61
CA MET D 203 12.08 -10.66 18.80
C MET D 203 11.19 -11.89 18.85
N HIS D 204 11.26 -12.59 19.97
CA HIS D 204 10.56 -13.87 20.16
C HIS D 204 10.28 -14.06 21.63
N GLU D 205 9.25 -14.83 21.95
CA GLU D 205 8.83 -14.95 23.34
C GLU D 205 9.85 -15.68 24.19
N ALA D 206 10.51 -16.67 23.59
CA ALA D 206 11.45 -17.51 24.31
C ALA D 206 12.81 -16.85 24.58
N LEU D 207 13.14 -15.74 23.91
CA LEU D 207 14.40 -15.04 24.16
C LEU D 207 14.41 -14.27 25.48
N HIS D 208 15.53 -14.29 26.18
CA HIS D 208 15.70 -13.47 27.37
C HIS D 208 15.53 -12.06 26.92
N ASN D 209 14.74 -11.31 27.65
CA ASN D 209 14.32 -9.97 27.28
C ASN D 209 13.59 -9.94 25.95
N HIS D 210 13.09 -11.08 25.46
CA HIS D 210 12.29 -11.09 24.22
C HIS D 210 13.01 -10.41 23.02
N TYR D 211 14.34 -10.36 23.05
CA TYR D 211 15.14 -9.64 22.07
C TYR D 211 16.55 -10.18 22.05
N THR D 212 17.09 -10.37 20.84
CA THR D 212 18.50 -10.74 20.65
C THR D 212 19.03 -9.97 19.45
N GLN D 213 20.34 -9.97 19.28
CA GLN D 213 20.91 -9.20 18.19
C GLN D 213 22.22 -9.80 17.74
N LYS D 214 22.41 -9.90 16.45
CA LYS D 214 23.69 -10.40 15.94
C LYS D 214 24.22 -9.40 14.90
N SER D 215 25.46 -8.99 15.06
CA SER D 215 26.01 -8.03 14.12
C SER D 215 26.72 -8.77 13.00
N LEU D 216 26.78 -8.14 11.84
CA LEU D 216 27.40 -8.71 10.65
C LEU D 216 28.21 -7.65 9.93
N SER D 217 29.52 -7.82 9.98
CA SER D 217 30.48 -6.90 9.39
C SER D 217 31.54 -7.60 8.53
N LEU D 218 32.42 -6.79 7.95
CA LEU D 218 33.48 -7.33 7.11
C LEU D 218 34.77 -7.54 7.89
C1 NAG E . -21.30 33.54 3.12
C2 NAG E . -21.25 32.05 2.85
C3 NAG E . -20.12 31.37 3.56
C4 NAG E . -18.80 32.05 3.29
C5 NAG E . -18.87 33.56 3.55
C6 NAG E . -17.59 34.18 3.07
C7 NAG E . -23.52 31.07 2.32
C8 NAG E . -24.83 30.44 2.78
N2 NAG E . -22.51 31.44 3.30
O3 NAG E . -20.03 30.01 3.12
O4 NAG E . -17.79 31.47 4.13
O5 NAG E . -19.99 34.21 2.86
O6 NAG E . -17.39 33.85 1.68
O7 NAG E . -23.32 31.26 1.16
C1 NAG E . -16.90 30.02 3.73
C2 NAG E . -15.46 30.16 4.18
C3 NAG E . -14.62 29.00 3.77
C4 NAG E . -15.23 27.69 4.17
C5 NAG E . -16.68 27.57 3.72
C6 NAG E . -17.26 26.32 4.32
C7 NAG E . -14.41 32.44 4.47
C8 NAG E . -13.82 33.71 3.87
N2 NAG E . -14.90 31.39 3.60
O3 NAG E . -13.32 29.12 4.38
O4 NAG E . -14.46 26.62 3.58
O5 NAG E . -17.50 28.71 4.13
O6 NAG E . -18.57 26.07 3.76
O7 NAG E . -14.45 32.30 5.66
C1 BMA E . -13.41 26.13 4.25
C2 BMA E . -13.28 24.64 4.05
C3 BMA E . -11.99 24.12 4.71
C4 BMA E . -10.75 24.88 4.29
C5 BMA E . -10.99 26.36 4.49
C6 BMA E . -9.81 27.16 3.95
O2 BMA E . -13.29 24.34 2.63
O3 BMA E . -11.71 22.81 4.29
O4 BMA E . -9.65 24.45 5.12
O5 BMA E . -12.21 26.81 3.86
O6 BMA E . -10.16 28.50 4.32
C1 MAN E . -11.81 21.55 5.40
C2 MAN E . -11.54 20.33 4.56
C3 MAN E . -12.66 20.02 3.66
C4 MAN E . -13.97 19.95 4.37
C5 MAN E . -14.22 21.16 5.22
C6 MAN E . -15.46 20.92 6.06
O2 MAN E . -11.30 19.19 5.43
O3 MAN E . -12.41 18.74 3.00
O4 MAN E . -15.04 19.82 3.40
O5 MAN E . -13.11 21.47 6.11
O6 MAN E . -16.54 20.59 5.21
C1 NAG E . -10.35 18.87 6.17
C2 NAG E . -10.63 18.10 7.44
C3 NAG E . -9.32 17.62 8.08
C4 NAG E . -8.40 16.94 7.07
C5 NAG E . -8.17 17.86 5.85
C6 NAG E . -7.29 17.19 4.79
C7 NAG E . -12.42 18.54 9.09
C8 NAG E . -12.14 17.88 10.43
N2 NAG E . -11.36 18.95 8.37
O3 NAG E . -9.60 16.74 9.16
O4 NAG E . -7.17 16.66 7.71
O5 NAG E . -9.42 18.25 5.29
O6 NAG E . -8.06 16.41 3.88
O7 NAG E . -13.58 18.71 8.69
C1 MAN E . -8.90 29.37 4.58
C2 MAN E . -9.04 30.69 5.32
C3 MAN E . -10.22 31.49 4.72
C4 MAN E . -10.11 31.67 3.20
C5 MAN E . -9.95 30.29 2.57
C6 MAN E . -9.70 30.35 1.07
O2 MAN E . -7.86 31.43 5.11
O3 MAN E . -10.33 32.73 5.37
O4 MAN E . -11.24 32.36 2.67
O5 MAN E . -8.86 29.60 3.18
O6 MAN E . -9.42 29.05 0.60
C1 NAG E . -6.79 30.96 5.89
C2 NAG E . -5.46 31.26 5.21
C3 NAG E . -4.30 31.09 6.12
C4 NAG E . -4.47 31.85 7.40
C5 NAG E . -5.80 31.55 8.08
C6 NAG E . -5.97 32.49 9.23
C7 NAG E . -5.64 30.81 2.72
C8 NAG E . -5.48 29.86 1.53
N2 NAG E . -5.32 30.35 4.07
O3 NAG E . -3.11 31.56 5.46
O4 NAG E . -3.39 31.50 8.30
O5 NAG E . -6.95 31.72 7.18
O6 NAG E . -6.50 33.75 8.76
O7 NAG E . -6.03 31.92 2.56
C1 NAG F . -24.90 16.16 11.09
C2 NAG F . -24.49 17.59 10.69
C3 NAG F . -24.13 17.71 9.22
C4 NAG F . -23.04 16.70 8.89
C5 NAG F . -23.57 15.32 9.31
C6 NAG F . -22.58 14.19 9.01
C7 NAG F . -25.26 19.75 11.64
C8 NAG F . -23.85 20.11 12.04
N2 NAG F . -25.50 18.58 11.04
O3 NAG F . -23.71 19.03 8.91
O4 NAG F . -22.81 16.60 7.48
O5 NAG F . -23.87 15.30 10.68
O6 NAG F . -21.37 14.65 9.60
O7 NAG F . -26.18 20.53 11.88
C1 NAG F . -21.96 17.52 6.74
C2 NAG F . -21.35 16.79 5.54
C3 NAG F . -20.57 17.72 4.60
C4 NAG F . -21.20 19.12 4.39
C5 NAG F . -21.78 19.63 5.73
C6 NAG F . -22.42 21.01 5.64
C7 NAG F . -20.71 14.38 5.67
C8 NAG F . -19.71 13.36 6.12
N2 NAG F . -20.48 15.68 5.94
O3 NAG F . -20.34 17.08 3.38
O4 NAG F . -20.27 20.11 3.94
O5 NAG F . -22.67 18.66 6.28
O6 NAG F . -23.61 21.10 6.39
O7 NAG F . -21.70 13.97 5.06
C1 BMA F . -19.85 20.08 2.54
C2 BMA F . -19.21 21.43 2.19
C3 BMA F . -18.93 21.52 0.70
C4 BMA F . -18.05 20.35 0.27
C5 BMA F . -18.49 18.97 0.82
C6 BMA F . -17.33 18.00 0.63
O2 BMA F . -17.97 21.60 2.92
O3 BMA F . -18.18 22.69 0.36
O4 BMA F . -18.07 20.30 -1.15
O5 BMA F . -18.94 19.02 2.18
O6 BMA F . -17.31 16.69 1.15
C1 MAN F . -16.97 15.40 1.27
C2 MAN F . -17.82 14.13 1.34
C3 MAN F . -18.15 13.88 2.81
C4 MAN F . -16.86 13.68 3.57
C5 MAN F . -16.04 14.95 3.42
C6 MAN F . -14.70 14.80 4.11
O2 MAN F . -17.11 12.99 0.89
O3 MAN F . -18.95 12.73 2.92
O4 MAN F . -17.15 13.41 4.92
O5 MAN F . -15.77 14.98 2.01
O6 MAN F . -14.72 15.66 5.23
C1 NAG F . -17.27 12.64 -0.50
C2 NAG F . -16.04 11.86 -0.99
C3 NAG F . -16.14 11.43 -2.47
C4 NAG F . -17.53 10.87 -2.82
C5 NAG F . -18.65 11.64 -2.12
C6 NAG F . -20.04 11.01 -2.31
C7 NAG F . -14.13 12.44 0.43
C8 NAG F . -12.87 13.27 0.58
N2 NAG F . -14.81 12.59 -0.72
O3 NAG F . -15.14 10.46 -2.74
O4 NAG F . -17.77 10.82 -4.23
O5 NAG F . -18.39 11.83 -0.73
O6 NAG F . -20.05 9.62 -2.07
O7 NAG F . -14.50 11.69 1.34
C1 GAL F . -18.18 9.97 -5.06
C2 GAL F . -18.35 9.87 -6.57
C3 GAL F . -18.68 8.49 -7.01
C4 GAL F . -17.72 7.49 -6.47
C5 GAL F . -17.54 7.61 -4.96
C6 GAL F . -16.44 6.68 -4.53
O2 GAL F . -19.42 10.76 -6.98
O3 GAL F . -18.65 8.44 -8.45
O4 GAL F . -16.45 7.67 -7.09
O5 GAL F . -17.23 8.96 -4.53
O6 GAL F . -16.29 6.75 -3.13
C1 SIA F . -16.55 5.17 -0.92
C2 SIA F . -16.15 5.48 -2.33
C3 SIA F . -14.75 4.93 -2.65
C4 SIA F . -14.74 3.46 -2.78
C5 SIA F . -15.76 2.95 -3.74
C6 SIA F . -17.12 3.47 -3.47
C7 SIA F . -18.04 3.05 -4.61
C8 SIA F . -19.44 2.89 -4.09
C9 SIA F . -19.53 1.59 -3.24
C10 SIA F . -15.72 0.66 -4.89
C11 SIA F . -15.76 -0.88 -4.82
N5 SIA F . -15.79 1.46 -3.67
O1A SIA F . -15.66 4.95 -0.04
O1B SIA F . -17.76 5.13 -0.62
O4 SIA F . -13.44 3.04 -3.24
O6 SIA F . -17.15 4.92 -3.35
O7 SIA F . -18.02 4.03 -5.61
O8 SIA F . -19.77 3.98 -3.30
O9 SIA F . -20.13 0.55 -4.02
O10 SIA F . -15.64 1.22 -5.97
C1 MAN F . -19.29 24.14 -0.14
C2 MAN F . -18.25 25.06 -0.70
C3 MAN F . -17.78 26.04 0.31
C4 MAN F . -18.91 26.76 0.96
C5 MAN F . -19.96 25.83 1.50
C6 MAN F . -21.14 26.64 1.97
O2 MAN F . -18.81 25.79 -1.83
O3 MAN F . -16.90 27.00 -0.34
O4 MAN F . -18.38 27.56 2.05
O5 MAN F . -20.41 24.87 0.50
O6 MAN F . -22.30 25.82 1.97
C1 NAG F . -19.08 25.29 -3.03
C2 NAG F . -20.26 25.91 -3.76
C3 NAG F . -20.49 25.12 -5.05
C4 NAG F . -19.21 25.20 -5.89
C5 NAG F . -17.97 24.82 -5.08
C6 NAG F . -16.70 25.13 -5.87
C7 NAG F . -22.02 27.15 -2.51
C8 NAG F . -21.41 28.48 -2.86
N2 NAG F . -21.46 26.00 -2.95
O3 NAG F . -21.61 25.61 -5.75
O4 NAG F . -19.34 24.38 -7.04
O5 NAG F . -17.92 25.48 -3.82
O6 NAG F . -15.56 24.62 -5.18
O7 NAG F . -23.04 27.12 -1.82
C1 NAG G . -17.98 -35.38 -2.03
C2 NAG G . -17.73 -33.94 -1.63
C3 NAG G . -16.62 -33.33 -2.42
C4 NAG G . -15.37 -34.15 -2.37
C5 NAG G . -15.63 -35.61 -2.76
C6 NAG G . -14.39 -36.39 -2.50
C7 NAG G . -19.45 -32.26 -0.85
C8 NAG G . -18.68 -32.09 0.46
N2 NAG G . -18.96 -33.17 -1.87
O3 NAG G . -16.33 -32.02 -1.88
O4 NAG G . -14.41 -33.59 -3.29
O5 NAG G . -16.73 -36.20 -1.99
O6 NAG G . -13.98 -36.22 -1.12
O7 NAG G . -20.45 -31.63 -1.04
C1 NAG G . -13.97 -31.99 -2.98
C2 NAG G . -12.61 -32.07 -3.69
C3 NAG G . -11.81 -30.75 -3.60
C4 NAG G . -12.66 -29.46 -3.74
C5 NAG G . -13.99 -29.64 -2.99
C6 NAG G . -14.91 -28.42 -3.07
C7 NAG G . -11.36 -34.22 -3.90
C8 NAG G . -10.48 -35.25 -3.23
N2 NAG G . -11.76 -33.16 -3.18
O3 NAG G . -10.76 -30.77 -4.54
O4 NAG G . -12.03 -28.29 -3.21
O5 NAG G . -14.64 -30.84 -3.43
O6 NAG G . -16.28 -28.78 -3.23
O7 NAG G . -11.67 -34.41 -5.06
C1 BMA G . -11.23 -26.64 -3.85
C2 BMA G . -10.99 -25.22 -3.30
C3 BMA G . -10.01 -24.47 -4.18
C4 BMA G . -8.71 -25.25 -4.29
C5 BMA G . -8.87 -26.76 -4.56
C6 BMA G . -7.54 -27.11 -4.09
O2 BMA G . -10.48 -25.29 -1.95
O3 BMA G . -9.65 -23.20 -3.63
O4 BMA G . -7.95 -24.66 -5.34
O5 BMA G . -9.96 -27.35 -3.83
O6 BMA G . -7.16 -28.56 -4.19
C1 MAN G . -6.94 -30.14 -4.00
C2 MAN G . -7.27 -31.43 -4.70
C3 MAN G . -8.19 -32.28 -3.91
C4 MAN G . -7.72 -32.48 -2.52
C5 MAN G . -7.39 -31.18 -1.83
C6 MAN G . -6.75 -31.48 -0.49
O2 MAN G . -6.02 -32.17 -4.93
O3 MAN G . -8.31 -33.57 -4.57
O4 MAN G . -8.76 -33.15 -1.76
O5 MAN G . -6.48 -30.35 -2.60
O6 MAN G . -7.61 -31.05 0.55
C1 NAG G . -5.18 -31.72 -6.10
C2 NAG G . -3.71 -32.07 -5.81
C3 NAG G . -2.79 -31.92 -7.04
C4 NAG G . -3.43 -32.51 -8.31
C5 NAG G . -4.94 -32.22 -8.38
C6 NAG G . -5.64 -32.92 -9.55
C7 NAG G . -3.30 -31.80 -3.41
C8 NAG G . -2.73 -30.91 -2.32
N2 NAG G . -3.20 -31.32 -4.65
O3 NAG G . -1.55 -32.55 -6.78
O4 NAG G . -2.78 -32.05 -9.52
O5 NAG G . -5.60 -32.53 -7.17
O6 NAG G . -5.29 -34.29 -9.66
O7 NAG G . -3.83 -32.88 -3.13
C1 GAL G . -2.14 -33.00 -10.46
C2 GAL G . -1.25 -32.62 -11.62
C3 GAL G . -0.68 -33.81 -12.30
C4 GAL G . 0.01 -34.72 -11.34
C5 GAL G . -0.87 -35.08 -10.16
C6 GAL G . -0.07 -35.85 -9.16
O2 GAL G . -2.05 -31.89 -12.58
O3 GAL G . 0.29 -33.35 -13.29
O4 GAL G . 1.19 -34.07 -10.85
O5 GAL G . -1.45 -33.91 -9.50
O6 GAL G . 0.05 -37.19 -9.58
C1 SIA G . 1.94 -37.06 -8.42
C2 SIA G . 1.30 -38.30 -8.97
C3 SIA G . 2.31 -39.14 -9.75
C4 SIA G . 3.31 -39.81 -8.89
C5 SIA G . 2.69 -40.59 -7.80
C6 SIA G . 1.69 -39.82 -7.01
C7 SIA G . 0.98 -40.76 -6.05
C8 SIA G . 0.72 -40.05 -4.75
C9 SIA G . 2.05 -39.89 -3.96
C10 SIA G . 3.77 -42.47 -6.42
C11 SIA G . 4.88 -42.96 -5.47
N5 SIA G . 3.76 -41.07 -6.88
O1A SIA G . 2.98 -36.57 -8.98
O1B SIA G . 1.44 -36.49 -7.43
O4 SIA G . 4.11 -40.69 -9.70
O6 SIA G . 0.70 -39.17 -7.85
O7 SIA G . -0.23 -41.18 -6.61
O8 SIA G . 0.18 -38.81 -5.01
O9 SIA G . 1.90 -40.44 -2.65
O10 SIA G . 2.90 -43.23 -6.79
C1 MAN G . -10.03 -22.17 -4.92
C2 MAN G . -9.65 -21.03 -4.02
C3 MAN G . -10.47 -20.99 -2.79
C4 MAN G . -11.93 -21.03 -3.10
C5 MAN G . -12.30 -22.16 -4.01
C6 MAN G . -13.75 -22.02 -4.41
O2 MAN G . -9.81 -19.77 -4.75
O3 MAN G . -10.17 -19.77 -2.07
O4 MAN G . -12.67 -21.17 -1.85
O5 MAN G . -11.48 -22.21 -5.22
O6 MAN G . -13.97 -22.71 -5.63
C1 NAG G . -9.20 -19.12 -5.59
C2 NAG G . -9.78 -18.36 -6.76
C3 NAG G . -8.77 -18.08 -7.82
C4 NAG G . -7.54 -17.43 -7.27
C5 NAG G . -6.97 -18.20 -6.08
C6 NAG G . -5.87 -17.39 -5.48
C7 NAG G . -12.25 -18.72 -7.17
C8 NAG G . -12.57 -17.45 -6.39
N2 NAG G . -10.88 -19.16 -7.34
O3 NAG G . -9.36 -17.21 -8.81
O4 NAG G . -6.55 -17.35 -8.31
O5 NAG G . -7.96 -18.47 -5.04
O6 NAG G . -5.41 -18.02 -4.25
O7 NAG G . -13.14 -19.36 -7.64
C1 NAG H . -18.80 -12.58 -0.90
C2 NAG H . -18.21 -13.99 -1.04
C3 NAG H . -17.29 -14.37 0.12
C4 NAG H . -16.20 -13.32 0.25
C5 NAG H . -16.89 -11.95 0.39
C6 NAG H . -15.89 -10.80 0.56
C7 NAG H . -19.22 -15.98 -2.11
C8 NAG H . -18.06 -16.08 -3.09
N2 NAG H . -19.25 -15.00 -1.21
O3 NAG H . -16.75 -15.66 -0.08
O4 NAG H . -15.44 -13.48 1.44
O5 NAG H . -17.72 -11.69 -0.72
O6 NAG H . -15.01 -10.98 -0.53
O7 NAG H . -20.14 -16.80 -2.17
C1 NAG H . -14.31 -14.25 1.52
C2 NAG H . -13.39 -13.77 2.63
C3 NAG H . -12.24 -14.68 2.86
C4 NAG H . -12.67 -16.10 3.04
C5 NAG H . -13.60 -16.58 1.92
C6 NAG H . -14.12 -17.92 2.29
C7 NAG H . -13.29 -11.27 3.05
C8 NAG H . -12.76 -9.89 2.69
N2 NAG H . -12.89 -12.44 2.27
O3 NAG H . -11.53 -14.24 4.03
O4 NAG H . -11.51 -16.94 3.08
O5 NAG H . -14.74 -15.67 1.71
O6 NAG H . -15.37 -18.16 1.60
O7 NAG H . -14.02 -11.40 3.99
C1 BMA H . -10.42 -17.52 3.66
C2 BMA H . -9.90 -18.92 3.31
C3 BMA H . -9.10 -19.49 4.48
C4 BMA H . -7.96 -18.54 4.83
C5 BMA H . -8.35 -17.06 4.91
C6 BMA H . -7.07 -16.23 4.87
O2 BMA H . -9.08 -18.89 2.13
O3 BMA H . -8.47 -20.73 4.15
O4 BMA H . -7.44 -18.96 6.09
O5 BMA H . -9.28 -16.65 3.88
O6 BMA H . -7.27 -15.02 4.43
C1 MAN H . -8.00 -13.31 4.51
C2 MAN H . -8.71 -12.02 4.84
C3 MAN H . -9.37 -11.44 3.67
C4 MAN H . -8.45 -11.31 2.50
C5 MAN H . -7.74 -12.61 2.18
C6 MAN H . -6.70 -12.35 1.11
O2 MAN H . -7.73 -11.07 5.36
O3 MAN H . -9.88 -10.12 4.02
O4 MAN H . -9.22 -10.90 1.33
O5 MAN H . -7.09 -13.19 3.34
O6 MAN H . -7.08 -13.03 -0.08
C1 NAG H . -7.37 -10.99 6.63
C2 NAG H . -5.95 -10.44 6.79
C3 NAG H . -5.52 -10.29 8.27
C4 NAG H . -6.64 -9.67 9.13
C5 NAG H . -8.03 -10.19 8.74
C6 NAG H . -9.17 -9.48 9.46
C7 NAG H . -4.68 -10.93 4.75
C8 NAG H . -3.68 -11.82 4.07
N2 NAG H . -4.98 -11.22 6.01
O3 NAG H . -4.35 -9.49 8.34
O4 NAG H . -6.42 -9.87 10.54
O5 NAG H . -8.24 -10.13 7.34
O6 NAG H . -9.04 -8.07 9.45
O7 NAG H . -5.19 -9.97 4.13
C1 GAL H . -6.22 -8.60 11.23
C2 GAL H . -5.80 -8.79 12.71
C3 GAL H . -5.58 -7.43 13.38
C4 GAL H . -4.65 -6.53 12.56
C5 GAL H . -5.15 -6.47 11.10
C6 GAL H . -4.21 -5.72 10.16
O2 GAL H . -6.73 -9.60 13.42
O3 GAL H . -5.05 -7.59 14.67
O4 GAL H . -3.34 -7.02 12.61
O5 GAL H . -5.27 -7.76 10.57
O6 GAL H . -4.04 -4.38 10.58
C1 MAN H . -9.53 -21.94 4.90
C2 MAN H . -8.78 -23.18 4.50
C3 MAN H . -9.32 -23.80 3.27
C4 MAN H . -10.79 -24.00 3.33
C5 MAN H . -11.53 -22.75 3.74
C6 MAN H . -12.99 -23.09 3.96
O2 MAN H . -8.89 -24.16 5.59
O3 MAN H . -8.67 -25.07 3.06
O4 MAN H . -11.27 -24.42 2.04
O5 MAN H . -11.00 -22.15 4.95
O6 MAN H . -13.58 -22.12 4.82
C1 NAG H . -8.28 -24.08 6.76
C2 NAG H . -9.03 -24.68 7.95
C3 NAG H . -8.23 -24.39 9.21
C4 NAG H . -6.85 -25.02 9.07
C5 NAG H . -6.18 -24.61 7.75
C6 NAG H . -4.90 -25.43 7.52
C7 NAG H . -11.49 -25.02 7.85
C8 NAG H . -11.34 -26.47 7.51
N2 NAG H . -10.41 -24.24 8.04
O3 NAG H . -8.90 -24.88 10.36
O4 NAG H . -6.04 -24.67 10.17
O5 NAG H . -7.05 -24.76 6.63
O6 NAG H . -4.21 -24.94 6.39
O7 NAG H . -12.62 -24.55 7.95
#